data_9PLO
#
_entry.id   9PLO
#
_cell.length_a   1.00
_cell.length_b   1.00
_cell.length_c   1.00
_cell.angle_alpha   90.00
_cell.angle_beta   90.00
_cell.angle_gamma   90.00
#
_symmetry.space_group_name_H-M   'P 1'
#
loop_
_entity.id
_entity.type
_entity.pdbx_description
1 polymer 'Guanine nucleotide-binding protein G(o) subunit alpha'
2 polymer 'Guanine nucleotide-binding protein G(I)/G(S)/G(T) subunit beta-1'
3 polymer 'Guanine nucleotide-binding protein G(I)/G(S)/G(O) subunit gamma-2'
4 polymer 'Alpha-2A adrenergic receptor'
5 polymer scFv16
6 non-polymer N-(5-methylnaphthalen-1-yl)pyridin-4-amine
#
loop_
_entity_poly.entity_id
_entity_poly.type
_entity_poly.pdbx_seq_one_letter_code
_entity_poly.pdbx_strand_id
1 'polypeptide(L)'
;MGCTLSAEERAALERSKAIEKNLKEDGISAAKDVKLLLLGAGESGKSTIVKQMKIIHEDGFSGEDVKQYKPVVYSNTIQS
LAAIVRAMDTLGIEYGDKERKADAKMVCDVVSRMEDTEPFSAELLSAMMRLWGDSGIQECFNRSREYQLNDSAKYYLDSL
DRIGAADYQPTEQDILRTRVKTTGIVETHFTFKNLHFRLFDVGGQRSERKKWIHCFEDVTAIIFCVALSGYDQVLHEDET
TNRMHESLMLFDSICNNKFFIDTSIILFLNKKDLFGEKIKKSPLTICFPEYTGPNTYEDAAAYIQAQFESKNRSPNKEIY
CHMTCATDTNNIQVVFDAVTDIIIANNLRGCGLY
;
A
2 'polypeptide(L)'
;MHHHHHHLEVLFQGPGSSGSELDQLRQEAEQLKNQIRDARKACADATLSQITNNIDPVGRIQMRTRRTLRGHLAKIYAMH
WGTDSRLLVSASQDGKLIIWDSYTTNKVHAIPLRSSWVMTCAYAPSGNYVACGGLDNICSIYNLKTREGNVRVSRELAGH
TGYLSCCRFLDDNQIVTSSGDTTCALWDIETGQQTTTFTGHTGDVMSLSLAPDTRLFVSGACDASAKLWDVREGMCRQTF
TGHESDINAICFFPNGNAFATGSDDATCRLFDLRADQELMTYSHDNIICGITSVSFSKSGRLLLAGYDDFNCNVWDALKA
DRAGVLAGHDNRVSCLGVTDDGMAVATGSWDSFLKIWN
;
B
3 'polypeptide(L)' MASNNTASIAQARKLVEQLKMEANIDRIKVSKAAADLMAYCEAHAKEDPLLTPVPASENPFREKKFFCAIL G
4 'polypeptide(L)'
;MKTIIALSYIFCLVFADYKDDDDASIDFRQEQPLAEGSFAPMGSLQPDAGNASWNGTEAPGGGARATPYSLQVTLTLVCL
AGLLMLLTVFGNVLVIIAVFTSRALKAPQNLFLVSLASADILVATLVIPFSLANEVMGYWYFGKAWCEIYLALDVLFCTS
SIVHLCAISLDRYWSITQAIEYNLKRTPRRIKAIIITVWVISAVISFPPLISIEKKGGGGGPQPAEPRCEINDQKWYVIS
SCIGSFFAPCLIMILVYVRIYQIAKRRTRVPPSRRGPDAVAAPPGGTERRPNGLGPERSAGPGGAEAEPLPTQLNGAPGE
PAPAGPRDTDALDLEESSSSDHAERPPGPRRPERGPRGKGKARASQVKPGDSLPRRGPGATGIGTPAAGPGEERVGAAKA
SRWRGRQNREKRFTFVLAVVIGVFVVCWFPFFFTYTLTAVGCSVPRTLFKFFFWFGYCNSSLNPVIYTIFNHDFRRAFKK
ILCRGDRKRIV
;
R
5 'polypeptide(L)'
;DVQLVESGGGLVQPGGSRKLSCSASGFAFSSFGMHWVRQAPEKGLEWVAYISSGSGTIYYADTVKGRFTISRDDPKNTLF
LQMTSLRSEDTAMYYCVRSIYYYGSSPFDFWGQGTTLTVSSGGGGSGGGGSGGGGSDIVMTQATSSVPVTPGESVSISCR
SSKSLLHSNGNTYLYWFLQRPGQSPQLLIYRMSNLASGVPDRFSGSGSGTAFTLTISRLEAEDVGVYYCMQHLEYPLTFG
AGTKLELKAAAHHHHHHHH
;
S
#
loop_
_chem_comp.id
_chem_comp.type
_chem_comp.name
_chem_comp.formula
A1CIU non-polymer N-(5-methylnaphthalen-1-yl)pyridin-4-amine 'C16 H14 N2'
#
# COMPACT_ATOMS: atom_id res chain seq x y z
N THR A 4 -16.04 15.27 18.86
CA THR A 4 -15.63 15.23 17.46
C THR A 4 -14.25 15.85 17.30
N LEU A 5 -13.91 16.25 16.08
CA LEU A 5 -12.60 16.79 15.75
C LEU A 5 -12.74 18.24 15.29
N SER A 6 -11.64 18.98 15.40
CA SER A 6 -11.63 20.40 15.09
C SER A 6 -11.71 20.63 13.57
N ALA A 7 -11.80 21.89 13.18
CA ALA A 7 -11.87 22.23 11.76
C ALA A 7 -10.59 21.84 11.03
N GLU A 8 -9.44 22.01 11.67
CA GLU A 8 -8.18 21.64 11.05
C GLU A 8 -8.12 20.15 10.76
N GLU A 9 -8.51 19.33 11.73
CA GLU A 9 -8.55 17.89 11.48
C GLU A 9 -9.64 17.51 10.48
N ARG A 10 -10.75 18.23 10.44
CA ARG A 10 -11.74 17.95 9.41
C ARG A 10 -11.15 18.19 8.03
N ALA A 11 -10.43 19.30 7.85
CA ALA A 11 -9.79 19.58 6.57
C ALA A 11 -8.72 18.54 6.25
N ALA A 12 -7.93 18.14 7.26
CA ALA A 12 -6.91 17.12 7.04
C ALA A 12 -7.52 15.80 6.63
N LEU A 13 -8.63 15.41 7.26
CA LEU A 13 -9.32 14.17 6.91
C LEU A 13 -9.90 14.26 5.51
N GLU A 14 -10.44 15.42 5.13
CA GLU A 14 -10.92 15.59 3.76
C GLU A 14 -9.77 15.43 2.76
N ARG A 15 -8.62 16.02 3.06
CA ARG A 15 -7.46 15.87 2.19
C ARG A 15 -7.04 14.41 2.10
N SER A 16 -7.03 13.70 3.23
CA SER A 16 -6.66 12.29 3.23
C SER A 16 -7.65 11.47 2.41
N LYS A 17 -8.93 11.78 2.51
CA LYS A 17 -9.93 11.05 1.73
C LYS A 17 -9.75 11.32 0.24
N ALA A 18 -9.46 12.57 -0.13
CA ALA A 18 -9.20 12.87 -1.53
C ALA A 18 -7.97 12.10 -2.03
N ILE A 19 -6.92 12.03 -1.20
CA ILE A 19 -5.73 11.27 -1.56
C ILE A 19 -6.08 9.80 -1.74
N GLU A 20 -6.90 9.26 -0.84
CA GLU A 20 -7.29 7.86 -0.93
C GLU A 20 -8.05 7.59 -2.23
N LYS A 21 -9.00 8.47 -2.56
CA LYS A 21 -9.77 8.29 -3.79
C LYS A 21 -8.87 8.35 -5.01
N ASN A 22 -7.95 9.32 -5.03
CA ASN A 22 -7.03 9.42 -6.16
C ASN A 22 -6.14 8.19 -6.27
N LEU A 23 -5.67 7.68 -5.13
CA LEU A 23 -4.83 6.49 -5.13
C LEU A 23 -5.60 5.30 -5.68
N LYS A 24 -6.84 5.13 -5.23
CA LYS A 24 -7.66 4.02 -5.72
C LYS A 24 -7.90 4.14 -7.21
N GLU A 25 -8.18 5.35 -7.70
CA GLU A 25 -8.42 5.52 -9.13
C GLU A 25 -7.16 5.20 -9.93
N ASP A 26 -6.00 5.65 -9.45
CA ASP A 26 -4.76 5.32 -10.15
C ASP A 26 -4.51 3.82 -10.17
N GLY A 27 -4.74 3.15 -9.04
CA GLY A 27 -4.55 1.72 -9.01
C GLY A 27 -5.47 0.98 -9.96
N ILE A 28 -6.74 1.38 -9.98
CA ILE A 28 -7.70 0.73 -10.88
C ILE A 28 -7.31 0.95 -12.33
N SER A 29 -6.89 2.18 -12.66
CA SER A 29 -6.46 2.45 -14.03
C SER A 29 -5.23 1.65 -14.41
N ALA A 30 -4.27 1.51 -13.48
CA ALA A 30 -3.04 0.81 -13.80
C ALA A 30 -3.23 -0.70 -13.87
N ALA A 31 -4.23 -1.23 -13.17
CA ALA A 31 -4.43 -2.68 -13.15
C ALA A 31 -4.81 -3.24 -14.51
N LYS A 32 -5.23 -2.39 -15.46
CA LYS A 32 -5.69 -2.90 -16.75
C LYS A 32 -4.55 -3.47 -17.58
N ASP A 33 -3.39 -2.80 -17.58
CA ASP A 33 -2.30 -3.22 -18.45
C ASP A 33 -1.70 -4.54 -17.96
N VAL A 34 -0.96 -5.19 -18.85
CA VAL A 34 -0.34 -6.48 -18.58
C VAL A 34 1.17 -6.27 -18.48
N LYS A 35 1.77 -6.89 -17.47
CA LYS A 35 3.20 -6.77 -17.22
C LYS A 35 3.91 -8.05 -17.61
N LEU A 36 5.02 -7.90 -18.35
CA LEU A 36 5.79 -9.03 -18.83
C LEU A 36 7.25 -8.86 -18.43
N LEU A 37 7.88 -9.95 -18.02
CA LEU A 37 9.29 -9.95 -17.67
C LEU A 37 10.09 -10.62 -18.78
N LEU A 38 11.09 -9.91 -19.28
CA LEU A 38 11.94 -10.40 -20.36
C LEU A 38 13.22 -10.95 -19.75
N LEU A 39 13.47 -12.25 -19.96
CA LEU A 39 14.61 -12.94 -19.35
C LEU A 39 15.35 -13.70 -20.46
N GLY A 40 16.39 -13.09 -21.00
CA GLY A 40 17.24 -13.71 -21.98
C GLY A 40 18.48 -14.30 -21.36
N ALA A 41 19.52 -14.48 -22.17
CA ALA A 41 20.79 -14.98 -21.68
C ALA A 41 21.89 -14.48 -22.62
N GLY A 42 22.59 -13.43 -22.22
CA GLY A 42 23.70 -12.94 -23.02
C GLY A 42 23.27 -12.60 -24.43
N GLU A 43 23.88 -13.28 -25.38
CA GLU A 43 23.68 -13.07 -26.81
C GLU A 43 22.34 -13.58 -27.32
N SER A 44 21.44 -13.98 -26.42
CA SER A 44 20.11 -14.39 -26.85
C SER A 44 19.44 -13.26 -27.64
N GLY A 45 18.40 -13.61 -28.38
CA GLY A 45 17.75 -12.65 -29.24
C GLY A 45 16.79 -11.73 -28.54
N LYS A 46 17.02 -11.47 -27.25
CA LYS A 46 16.15 -10.56 -26.51
C LYS A 46 16.24 -9.14 -27.07
N SER A 47 17.44 -8.71 -27.45
CA SER A 47 17.58 -7.40 -28.07
C SER A 47 16.81 -7.33 -29.38
N THR A 48 16.89 -8.38 -30.18
CA THR A 48 16.13 -8.41 -31.43
C THR A 48 14.63 -8.35 -31.17
N ILE A 49 14.16 -9.09 -30.18
CA ILE A 49 12.73 -9.08 -29.84
C ILE A 49 12.31 -7.67 -29.43
N VAL A 50 13.12 -7.03 -28.58
CA VAL A 50 12.78 -5.69 -28.12
C VAL A 50 12.75 -4.72 -29.30
N LYS A 51 13.75 -4.80 -30.19
CA LYS A 51 13.76 -3.92 -31.35
C LYS A 51 12.54 -4.14 -32.23
N GLN A 52 12.13 -5.40 -32.41
CA GLN A 52 10.91 -5.66 -33.16
C GLN A 52 9.71 -5.03 -32.47
N MET A 53 9.69 -5.08 -31.14
CA MET A 53 8.56 -4.55 -30.33
C MET A 53 7.33 -5.42 -30.57
N THR A 183 20.49 3.03 -16.59
CA THR A 183 21.40 1.89 -16.66
C THR A 183 20.82 0.70 -15.90
N GLY A 184 19.72 0.93 -15.18
CA GLY A 184 19.08 -0.11 -14.43
C GLY A 184 18.01 -0.85 -15.22
N ILE A 185 16.85 -1.07 -14.61
CA ILE A 185 15.76 -1.72 -15.30
C ILE A 185 15.28 -0.86 -16.45
N VAL A 186 15.02 -1.50 -17.59
CA VAL A 186 14.56 -0.82 -18.80
C VAL A 186 13.12 -1.25 -19.06
N GLU A 187 12.22 -0.28 -19.14
CA GLU A 187 10.81 -0.53 -19.36
C GLU A 187 10.44 -0.09 -20.77
N THR A 188 9.86 -1.02 -21.54
CA THR A 188 9.32 -0.73 -22.86
C THR A 188 7.84 -1.09 -22.85
N HIS A 189 7.02 -0.11 -23.18
CA HIS A 189 5.55 -0.31 -23.19
C HIS A 189 5.02 -0.07 -24.60
N PHE A 190 3.92 -0.75 -24.95
CA PHE A 190 3.31 -0.59 -26.26
C PHE A 190 1.86 -1.05 -26.16
N THR A 191 1.07 -0.64 -27.15
CA THR A 191 -0.33 -1.02 -27.24
C THR A 191 -0.56 -1.79 -28.54
N PHE A 192 -1.16 -2.97 -28.40
CA PHE A 192 -1.47 -3.81 -29.55
C PHE A 192 -2.89 -4.33 -29.39
N LYS A 193 -3.73 -4.07 -30.38
CA LYS A 193 -5.13 -4.46 -30.35
C LYS A 193 -5.77 -4.02 -29.03
N ASN A 194 -5.84 -2.70 -28.87
CA ASN A 194 -6.39 -2.04 -27.69
C ASN A 194 -6.00 -2.73 -26.38
N LEU A 195 -4.75 -3.17 -26.29
CA LEU A 195 -4.21 -3.76 -25.08
C LEU A 195 -2.86 -3.13 -24.79
N HIS A 196 -2.61 -2.81 -23.53
CA HIS A 196 -1.37 -2.14 -23.12
C HIS A 196 -0.43 -3.15 -22.49
N PHE A 197 0.80 -3.19 -22.98
CA PHE A 197 1.82 -4.10 -22.48
C PHE A 197 2.94 -3.31 -21.82
N ARG A 198 3.46 -3.85 -20.72
CA ARG A 198 4.62 -3.30 -20.03
C ARG A 198 5.69 -4.39 -19.98
N LEU A 199 6.73 -4.24 -20.78
CA LEU A 199 7.79 -5.23 -20.88
C LEU A 199 9.02 -4.70 -20.15
N PHE A 200 9.47 -5.44 -19.14
CA PHE A 200 10.65 -5.09 -18.37
C PHE A 200 11.75 -6.09 -18.67
N ASP A 201 12.97 -5.59 -18.88
CA ASP A 201 14.15 -6.43 -19.02
C ASP A 201 15.21 -5.96 -18.03
N VAL A 202 15.80 -6.91 -17.31
CA VAL A 202 16.89 -6.59 -16.38
C VAL A 202 18.17 -7.09 -17.04
N GLY A 203 18.80 -6.22 -17.82
CA GLY A 203 20.05 -6.56 -18.48
C GLY A 203 21.23 -5.91 -17.79
N GLY A 204 21.08 -4.65 -17.39
CA GLY A 204 22.14 -3.97 -16.68
C GLY A 204 22.31 -4.44 -15.25
N GLN A 205 21.35 -5.20 -14.72
CA GLN A 205 21.44 -5.73 -13.38
C GLN A 205 22.41 -6.91 -13.37
N ARG A 206 23.69 -6.65 -13.14
CA ARG A 206 24.69 -7.71 -13.05
C ARG A 206 24.76 -8.33 -11.67
N SER A 207 23.97 -7.84 -10.72
CA SER A 207 23.95 -8.38 -9.37
C SER A 207 23.33 -9.78 -9.37
N GLU A 208 23.29 -10.39 -8.19
CA GLU A 208 22.73 -11.72 -8.07
C GLU A 208 21.22 -11.68 -8.32
N ARG A 209 20.75 -12.52 -9.24
CA ARG A 209 19.33 -12.53 -9.57
C ARG A 209 18.49 -13.08 -8.43
N LYS A 210 19.10 -13.79 -7.48
CA LYS A 210 18.33 -14.31 -6.35
C LYS A 210 17.61 -13.20 -5.62
N LYS A 211 18.30 -12.10 -5.34
CA LYS A 211 17.63 -10.92 -4.85
C LYS A 211 16.95 -10.18 -5.99
N TRP A 212 15.98 -9.35 -5.65
CA TRP A 212 15.16 -8.53 -6.54
C TRP A 212 14.37 -9.37 -7.54
N ILE A 213 14.50 -10.69 -7.52
CA ILE A 213 13.70 -11.52 -8.42
C ILE A 213 12.25 -11.54 -7.97
N HIS A 214 12.01 -11.50 -6.66
CA HIS A 214 10.64 -11.52 -6.14
C HIS A 214 9.86 -10.29 -6.54
N CYS A 215 10.51 -9.22 -7.00
CA CYS A 215 9.79 -8.02 -7.39
C CYS A 215 8.82 -8.31 -8.53
N PHE A 216 9.26 -9.09 -9.52
CA PHE A 216 8.40 -9.47 -10.65
C PHE A 216 7.68 -10.78 -10.38
N GLU A 217 7.01 -10.87 -9.23
CA GLU A 217 6.28 -12.09 -8.90
C GLU A 217 4.85 -12.05 -9.41
N ASP A 218 4.16 -10.94 -9.20
CA ASP A 218 2.80 -10.77 -9.74
C ASP A 218 2.90 -10.17 -11.14
N VAL A 219 3.47 -10.96 -12.05
CA VAL A 219 3.64 -10.57 -13.43
C VAL A 219 2.85 -11.54 -14.31
N THR A 220 2.26 -10.99 -15.37
CA THR A 220 1.38 -11.80 -16.22
C THR A 220 2.11 -13.00 -16.80
N ALA A 221 3.33 -12.80 -17.28
CA ALA A 221 4.06 -13.90 -17.91
C ALA A 221 5.52 -13.51 -18.07
N ILE A 222 6.31 -14.48 -18.53
CA ILE A 222 7.72 -14.28 -18.81
C ILE A 222 7.94 -14.43 -20.31
N ILE A 223 9.01 -13.82 -20.79
CA ILE A 223 9.48 -14.03 -22.15
C ILE A 223 10.93 -14.53 -22.03
N PHE A 224 11.21 -15.65 -22.67
CA PHE A 224 12.52 -16.27 -22.61
C PHE A 224 13.03 -16.44 -24.03
N CYS A 225 14.26 -15.97 -24.22
CA CYS A 225 14.80 -16.01 -25.60
C CYS A 225 16.01 -16.92 -25.58
N VAL A 226 15.91 -18.04 -26.29
CA VAL A 226 17.10 -18.91 -26.42
C VAL A 226 17.53 -18.82 -27.88
N ALA A 227 18.83 -18.76 -28.13
CA ALA A 227 19.33 -18.75 -29.52
C ALA A 227 19.47 -20.19 -29.99
N LEU A 228 18.57 -20.64 -30.86
CA LEU A 228 18.71 -22.01 -31.42
C LEU A 228 20.16 -22.17 -31.88
N SER A 229 20.75 -21.11 -32.42
CA SER A 229 22.13 -21.18 -32.97
C SER A 229 23.14 -21.56 -31.88
N GLY A 230 22.79 -21.37 -30.62
CA GLY A 230 23.75 -21.64 -29.52
C GLY A 230 24.13 -23.10 -29.43
N TYR A 231 23.36 -23.98 -30.07
CA TYR A 231 23.60 -25.44 -29.95
C TYR A 231 25.11 -25.70 -30.10
N ASP A 232 25.80 -24.97 -30.96
CA ASP A 232 27.23 -25.25 -31.18
C ASP A 232 28.06 -24.01 -30.87
N GLN A 233 28.22 -23.66 -29.59
CA GLN A 233 28.92 -22.40 -29.23
C GLN A 233 29.25 -22.39 -27.74
N VAL A 234 30.45 -22.85 -27.36
CA VAL A 234 30.86 -22.78 -25.93
C VAL A 234 30.78 -21.32 -25.47
N LEU A 235 30.34 -21.09 -24.22
CA LEU A 235 30.17 -19.70 -23.72
C LEU A 235 31.46 -18.90 -23.96
N HIS A 236 31.34 -17.60 -24.18
CA HIS A 236 32.51 -16.74 -24.49
C HIS A 236 33.62 -16.92 -23.44
N GLU A 237 33.23 -17.27 -22.21
CA GLU A 237 34.23 -17.43 -21.12
C GLU A 237 35.02 -18.73 -21.39
N ASP A 238 34.61 -19.51 -22.40
CA ASP A 238 35.35 -20.75 -22.78
C ASP A 238 35.52 -21.66 -21.57
N GLU A 239 34.47 -21.80 -20.75
CA GLU A 239 34.52 -22.74 -19.61
C GLU A 239 33.92 -24.07 -20.07
N THR A 240 34.03 -24.39 -21.37
CA THR A 240 33.41 -25.61 -21.92
C THR A 240 31.96 -25.63 -21.51
N THR A 241 31.31 -24.46 -21.49
CA THR A 241 29.90 -24.36 -21.09
C THR A 241 29.06 -24.21 -22.34
N ASN A 242 28.43 -25.29 -22.78
CA ASN A 242 27.57 -25.26 -24.01
C ASN A 242 26.56 -24.13 -23.84
N ARG A 243 26.54 -23.19 -24.78
CA ARG A 243 25.61 -22.04 -24.71
C ARG A 243 24.20 -22.54 -24.38
N MET A 244 23.73 -23.55 -25.10
CA MET A 244 22.35 -24.07 -24.88
C MET A 244 22.23 -24.62 -23.45
N HIS A 245 23.24 -25.34 -22.97
CA HIS A 245 23.10 -25.97 -21.63
C HIS A 245 22.90 -24.85 -20.62
N GLU A 246 23.74 -23.82 -20.70
CA GLU A 246 23.59 -22.66 -19.79
C GLU A 246 22.13 -22.19 -19.86
N SER A 247 21.59 -22.07 -21.07
CA SER A 247 20.18 -21.65 -21.22
C SER A 247 19.27 -22.75 -20.67
N LEU A 248 19.50 -24.02 -21.01
CA LEU A 248 18.60 -25.00 -20.41
C LEU A 248 18.63 -24.89 -18.88
N MET A 249 19.82 -24.80 -18.30
CA MET A 249 19.88 -24.69 -16.84
C MET A 249 19.25 -23.39 -16.36
N LEU A 250 19.51 -22.28 -17.04
CA LEU A 250 18.91 -21.02 -16.63
C LEU A 250 17.40 -21.10 -16.71
N PHE A 251 16.88 -21.70 -17.78
CA PHE A 251 15.44 -21.85 -17.91
C PHE A 251 14.88 -22.73 -16.80
N ASP A 252 15.58 -23.81 -16.46
CA ASP A 252 15.10 -24.69 -15.40
C ASP A 252 15.04 -23.92 -14.08
N SER A 253 16.10 -23.17 -13.76
CA SER A 253 16.12 -22.42 -12.52
C SER A 253 14.97 -21.41 -12.47
N ILE A 254 14.74 -20.70 -13.58
CA ILE A 254 13.66 -19.72 -13.62
C ILE A 254 12.28 -20.35 -13.50
N CYS A 255 12.05 -21.48 -14.18
CA CYS A 255 10.75 -22.13 -14.12
C CYS A 255 10.47 -22.77 -12.77
N ASN A 256 11.48 -23.30 -12.11
CA ASN A 256 11.18 -24.01 -10.84
C ASN A 256 11.52 -23.06 -9.68
N ASN A 257 11.09 -21.80 -9.78
CA ASN A 257 11.38 -20.80 -8.71
C ASN A 257 10.21 -20.78 -7.73
N LYS A 258 10.47 -20.42 -6.47
CA LYS A 258 9.38 -20.29 -5.47
C LYS A 258 8.36 -19.32 -6.04
N PHE A 259 8.80 -18.10 -6.37
CA PHE A 259 7.90 -17.14 -7.04
C PHE A 259 7.77 -17.66 -8.45
N PHE A 260 6.97 -17.02 -9.30
CA PHE A 260 6.95 -17.52 -10.70
C PHE A 260 6.75 -19.01 -10.68
N ILE A 261 5.89 -19.53 -9.80
CA ILE A 261 5.57 -20.99 -9.81
C ILE A 261 4.36 -21.17 -10.73
N ASP A 262 3.56 -20.13 -10.88
CA ASP A 262 2.30 -20.24 -11.65
C ASP A 262 2.32 -19.28 -12.83
N THR A 263 3.47 -18.68 -13.13
CA THR A 263 3.53 -17.67 -14.20
C THR A 263 3.88 -18.37 -15.49
N SER A 264 2.91 -18.48 -16.40
CA SER A 264 3.21 -19.07 -17.70
C SER A 264 4.39 -18.35 -18.34
N ILE A 265 5.15 -19.09 -19.16
CA ILE A 265 6.37 -18.61 -19.78
C ILE A 265 6.21 -18.63 -21.28
N ILE A 266 6.55 -17.53 -21.93
CA ILE A 266 6.59 -17.47 -23.39
C ILE A 266 8.02 -17.67 -23.84
N LEU A 267 8.28 -18.73 -24.58
CA LEU A 267 9.62 -19.12 -24.99
C LEU A 267 9.83 -18.77 -26.45
N PHE A 268 10.92 -18.07 -26.75
CA PHE A 268 11.26 -17.68 -28.10
C PHE A 268 12.56 -18.38 -28.49
N LEU A 269 12.54 -19.07 -29.63
CA LEU A 269 13.70 -19.73 -30.18
C LEU A 269 14.01 -19.05 -31.51
N ASN A 270 14.82 -18.01 -31.46
CA ASN A 270 15.10 -17.17 -32.62
C ASN A 270 16.37 -17.63 -33.34
N LYS A 271 16.67 -16.94 -34.43
CA LYS A 271 17.80 -17.28 -35.29
C LYS A 271 17.61 -18.66 -35.91
N LYS A 272 16.42 -18.86 -36.49
CA LYS A 272 16.13 -20.15 -37.16
C LYS A 272 17.08 -20.27 -38.35
N ASP A 273 17.30 -19.15 -39.04
CA ASP A 273 18.19 -19.17 -40.23
C ASP A 273 19.55 -19.71 -39.79
N LEU A 274 20.10 -19.18 -38.69
CA LEU A 274 21.39 -19.68 -38.17
C LEU A 274 21.25 -21.17 -37.86
N PHE A 275 20.36 -21.52 -36.93
CA PHE A 275 20.13 -22.95 -36.61
C PHE A 275 20.02 -23.73 -37.92
N GLY A 276 19.28 -23.19 -38.88
CA GLY A 276 19.05 -23.91 -40.14
C GLY A 276 20.35 -24.21 -40.85
N GLU A 277 21.26 -23.23 -40.92
CA GLU A 277 22.57 -23.45 -41.58
C GLU A 277 23.39 -24.42 -40.74
N LYS A 278 23.54 -24.15 -39.45
CA LYS A 278 24.37 -25.00 -38.55
C LYS A 278 23.80 -26.42 -38.43
N ILE A 279 22.47 -26.57 -38.35
CA ILE A 279 21.89 -27.93 -38.12
C ILE A 279 22.35 -28.85 -39.26
N LYS A 280 22.56 -28.31 -40.46
CA LYS A 280 23.11 -29.14 -41.54
C LYS A 280 24.61 -28.93 -41.43
N LYS A 281 25.40 -29.97 -41.64
CA LYS A 281 26.88 -29.82 -41.66
C LYS A 281 27.47 -29.85 -40.24
N SER A 282 26.63 -29.92 -39.22
CA SER A 282 27.12 -30.10 -37.83
C SER A 282 25.99 -30.75 -37.00
N PRO A 283 26.23 -31.83 -36.21
CA PRO A 283 25.11 -32.56 -35.52
C PRO A 283 24.70 -31.91 -34.20
N LEU A 284 23.42 -32.03 -33.86
CA LEU A 284 22.93 -31.49 -32.56
C LEU A 284 23.50 -32.35 -31.42
N THR A 285 24.02 -33.54 -31.75
CA THR A 285 24.58 -34.43 -30.72
C THR A 285 25.54 -33.63 -29.87
N ILE A 286 26.29 -32.72 -30.49
CA ILE A 286 27.29 -31.90 -29.74
C ILE A 286 26.59 -31.28 -28.51
N CYS A 287 25.41 -30.70 -28.72
CA CYS A 287 24.65 -30.11 -27.59
C CYS A 287 23.94 -31.23 -26.82
N PHE A 288 23.01 -31.94 -27.46
CA PHE A 288 22.30 -33.06 -26.80
C PHE A 288 22.95 -34.37 -27.19
N PRO A 289 23.85 -34.93 -26.37
CA PRO A 289 24.60 -36.18 -26.72
C PRO A 289 23.63 -37.32 -27.02
N GLU A 290 22.54 -37.40 -26.23
CA GLU A 290 21.53 -38.47 -26.43
C GLU A 290 20.56 -38.05 -27.54
N TYR A 291 21.07 -37.53 -28.65
CA TYR A 291 20.20 -37.04 -29.75
C TYR A 291 19.25 -38.17 -30.11
N THR A 292 19.78 -39.28 -30.60
CA THR A 292 18.93 -40.40 -31.07
C THR A 292 17.82 -39.85 -31.95
N GLY A 293 18.18 -39.07 -32.97
CA GLY A 293 17.19 -38.45 -33.87
C GLY A 293 17.79 -37.99 -35.19
N PRO A 294 16.97 -37.71 -36.23
CA PRO A 294 17.48 -37.21 -37.54
C PRO A 294 18.19 -35.88 -37.35
N ASN A 295 19.33 -35.68 -38.00
CA ASN A 295 20.15 -34.46 -37.76
C ASN A 295 19.40 -33.20 -38.19
N THR A 296 18.80 -33.18 -39.38
CA THR A 296 18.16 -31.94 -39.87
C THR A 296 16.67 -32.15 -40.02
N TYR A 297 15.91 -30.99 -39.85
CA TYR A 297 16.22 -29.86 -38.93
C TYR A 297 14.98 -29.60 -38.10
N GLU A 298 13.77 -29.66 -38.84
CA GLU A 298 12.52 -29.46 -38.05
C GLU A 298 12.49 -30.48 -36.91
N ASP A 299 12.91 -31.71 -37.18
CA ASP A 299 12.95 -32.75 -36.11
C ASP A 299 13.95 -32.31 -35.04
N ALA A 300 15.12 -31.82 -35.46
CA ALA A 300 16.10 -31.32 -34.46
C ALA A 300 15.43 -30.21 -33.67
N ALA A 301 14.73 -29.32 -34.37
CA ALA A 301 13.99 -28.23 -33.68
C ALA A 301 12.95 -28.83 -32.75
N ALA A 302 12.32 -29.96 -33.13
CA ALA A 302 11.40 -30.52 -32.17
C ALA A 302 12.11 -31.12 -30.97
N TYR A 303 13.27 -31.74 -31.18
CA TYR A 303 14.01 -32.28 -30.03
C TYR A 303 14.36 -31.18 -29.05
N ILE A 304 14.90 -30.07 -29.55
CA ILE A 304 15.29 -28.98 -28.66
C ILE A 304 14.06 -28.35 -28.02
N GLN A 305 12.99 -28.20 -28.79
CA GLN A 305 11.77 -27.63 -28.24
C GLN A 305 11.25 -28.47 -27.09
N ALA A 306 11.19 -29.79 -27.28
CA ALA A 306 10.72 -30.68 -26.21
C ALA A 306 11.68 -30.70 -25.04
N GLN A 307 12.98 -30.65 -25.31
CA GLN A 307 13.96 -30.61 -24.23
C GLN A 307 13.76 -29.37 -23.37
N PHE A 308 13.37 -28.27 -23.98
CA PHE A 308 13.05 -27.06 -23.21
C PHE A 308 11.73 -27.20 -22.49
N GLU A 309 10.72 -27.77 -23.15
CA GLU A 309 9.43 -28.02 -22.53
C GLU A 309 9.52 -28.91 -21.31
N SER A 310 10.49 -29.80 -21.25
CA SER A 310 10.66 -30.65 -20.08
C SER A 310 11.11 -29.81 -18.90
N LYS A 311 11.40 -30.47 -17.78
CA LYS A 311 11.77 -29.81 -16.54
C LYS A 311 10.78 -28.69 -16.20
N ASN A 312 9.49 -29.01 -16.36
CA ASN A 312 8.39 -28.15 -15.94
C ASN A 312 7.52 -28.98 -15.00
N ARG A 313 7.90 -28.99 -13.72
CA ARG A 313 7.22 -29.85 -12.76
C ARG A 313 5.78 -29.44 -12.55
N SER A 314 5.52 -28.15 -12.51
CA SER A 314 4.20 -27.69 -12.12
C SER A 314 3.17 -27.92 -13.22
N PRO A 315 1.97 -28.37 -12.85
CA PRO A 315 0.87 -28.43 -13.81
C PRO A 315 0.17 -27.08 -13.92
N ASN A 316 -0.94 -27.05 -14.65
CA ASN A 316 -1.74 -25.84 -14.81
C ASN A 316 -0.86 -24.62 -15.09
N LYS A 317 0.18 -24.82 -15.91
CA LYS A 317 1.07 -23.73 -16.30
C LYS A 317 1.75 -24.14 -17.60
N GLU A 318 1.42 -23.45 -18.69
CA GLU A 318 1.86 -23.83 -20.02
C GLU A 318 2.98 -22.92 -20.49
N ILE A 319 3.87 -23.48 -21.30
CA ILE A 319 4.97 -22.74 -21.92
C ILE A 319 4.64 -22.64 -23.41
N TYR A 320 4.50 -21.41 -23.90
CA TYR A 320 4.22 -21.17 -25.31
C TYR A 320 5.54 -20.92 -26.02
N CYS A 321 5.83 -21.72 -27.04
CA CYS A 321 7.08 -21.62 -27.78
C CYS A 321 6.82 -21.16 -29.19
N HIS A 322 7.79 -20.43 -29.74
CA HIS A 322 7.71 -19.93 -31.09
C HIS A 322 9.10 -19.97 -31.71
N MET A 323 9.11 -20.16 -33.03
CA MET A 323 10.40 -20.16 -33.78
C MET A 323 10.51 -18.80 -34.47
N THR A 324 11.59 -18.07 -34.20
CA THR A 324 11.82 -16.74 -34.73
C THR A 324 12.97 -16.78 -35.72
N CYS A 325 12.76 -16.22 -36.90
CA CYS A 325 13.78 -16.19 -37.95
C CYS A 325 14.65 -14.93 -37.87
N ALA A 326 14.36 -14.04 -36.92
CA ALA A 326 15.06 -12.77 -36.72
C ALA A 326 14.56 -11.69 -37.68
N THR A 327 13.62 -12.01 -38.55
CA THR A 327 13.02 -11.02 -39.43
C THR A 327 11.50 -11.11 -39.48
N ASP A 328 10.88 -11.98 -38.68
CA ASP A 328 9.43 -12.09 -38.67
C ASP A 328 8.81 -10.83 -38.06
N THR A 329 7.53 -10.62 -38.36
CA THR A 329 6.80 -9.47 -37.87
C THR A 329 5.51 -9.86 -37.17
N ASN A 330 5.35 -11.14 -36.83
CA ASN A 330 4.16 -11.63 -36.15
C ASN A 330 4.43 -12.03 -34.70
N ASN A 331 5.62 -11.72 -34.17
CA ASN A 331 5.90 -12.07 -32.78
C ASN A 331 5.01 -11.28 -31.84
N ILE A 332 4.60 -10.07 -32.21
CA ILE A 332 3.61 -9.35 -31.42
C ILE A 332 2.31 -10.13 -31.40
N GLN A 333 1.90 -10.66 -32.55
CA GLN A 333 0.71 -11.49 -32.60
C GLN A 333 0.83 -12.71 -31.71
N VAL A 334 1.99 -13.37 -31.74
CA VAL A 334 2.18 -14.58 -30.93
C VAL A 334 2.12 -14.25 -29.45
N VAL A 335 2.76 -13.16 -29.04
CA VAL A 335 2.73 -12.78 -27.63
C VAL A 335 1.32 -12.38 -27.22
N PHE A 336 0.59 -11.71 -28.10
CA PHE A 336 -0.78 -11.34 -27.79
C PHE A 336 -1.65 -12.57 -27.61
N ASP A 337 -1.49 -13.57 -28.49
CA ASP A 337 -2.26 -14.80 -28.34
C ASP A 337 -1.89 -15.52 -27.05
N ALA A 338 -0.60 -15.58 -26.72
CA ALA A 338 -0.20 -16.22 -25.48
C ALA A 338 -0.79 -15.50 -24.27
N VAL A 339 -0.79 -14.17 -24.30
CA VAL A 339 -1.32 -13.40 -23.18
C VAL A 339 -2.83 -13.61 -23.05
N THR A 340 -3.53 -13.62 -24.18
CA THR A 340 -4.96 -13.85 -24.14
C THR A 340 -5.28 -15.25 -23.61
N ASP A 341 -4.50 -16.26 -24.03
CA ASP A 341 -4.70 -17.60 -23.48
C ASP A 341 -4.42 -17.64 -21.99
N ILE A 342 -3.38 -16.93 -21.54
CA ILE A 342 -3.08 -16.88 -20.11
C ILE A 342 -4.22 -16.23 -19.35
N ILE A 343 -4.77 -15.14 -19.88
CA ILE A 343 -5.88 -14.46 -19.22
C ILE A 343 -7.09 -15.37 -19.16
N ILE A 344 -7.39 -16.08 -20.24
CA ILE A 344 -8.52 -17.01 -20.25
C ILE A 344 -8.31 -18.11 -19.21
N ALA A 345 -7.10 -18.64 -19.13
CA ALA A 345 -6.81 -19.68 -18.15
C ALA A 345 -6.97 -19.14 -16.73
N ASN A 346 -6.49 -17.94 -16.47
CA ASN A 346 -6.66 -17.34 -15.15
C ASN A 346 -8.14 -17.15 -14.82
N ASN A 347 -8.93 -16.72 -15.79
CA ASN A 347 -10.35 -16.45 -15.51
C ASN A 347 -11.06 -17.77 -15.21
N LEU A 348 -10.64 -18.86 -15.86
CA LEU A 348 -11.25 -20.19 -15.65
C LEU A 348 -10.75 -20.76 -14.32
N ARG A 349 -9.73 -20.15 -13.71
CA ARG A 349 -9.26 -20.62 -12.39
C ARG A 349 -10.13 -20.00 -11.29
N GLY A 350 -10.54 -18.75 -11.48
CA GLY A 350 -11.43 -18.09 -10.50
C GLY A 350 -12.76 -18.80 -10.40
N CYS A 351 -13.30 -19.24 -11.54
CA CYS A 351 -14.57 -20.00 -11.55
C CYS A 351 -14.36 -21.33 -10.82
N GLY A 352 -13.12 -21.63 -10.42
CA GLY A 352 -12.84 -22.86 -9.66
C GLY A 352 -12.60 -24.03 -10.58
N LEU A 353 -12.55 -23.81 -11.89
CA LEU A 353 -12.29 -24.90 -12.86
C LEU A 353 -10.77 -25.04 -13.05
N TYR A 354 -10.01 -25.02 -11.96
CA TYR A 354 -8.53 -25.16 -12.02
C TYR A 354 -8.18 -26.16 -13.12
N GLN B 24 51.28 -16.44 -2.19
CA GLN B 24 52.34 -15.70 -1.45
C GLN B 24 51.68 -14.56 -0.67
N LEU B 25 51.17 -13.54 -1.36
CA LEU B 25 50.45 -12.47 -0.64
C LEU B 25 49.14 -13.08 -0.15
N ARG B 26 48.59 -14.04 -0.88
CA ARG B 26 47.37 -14.75 -0.41
C ARG B 26 47.72 -15.49 0.88
N GLN B 27 48.89 -16.12 0.91
CA GLN B 27 49.33 -16.84 2.13
C GLN B 27 49.49 -15.83 3.27
N GLU B 28 50.02 -14.64 2.98
CA GLU B 28 50.15 -13.59 4.02
C GLU B 28 48.76 -13.28 4.58
N ALA B 29 47.80 -13.03 3.70
CA ALA B 29 46.42 -12.71 4.15
C ALA B 29 45.91 -13.83 5.03
N GLU B 30 46.12 -15.08 4.62
CA GLU B 30 45.62 -16.23 5.40
C GLU B 30 46.25 -16.22 6.80
N GLN B 31 47.58 -16.09 6.86
CA GLN B 31 48.28 -16.12 8.17
C GLN B 31 47.73 -14.98 9.04
N LEU B 32 47.48 -13.82 8.44
CA LEU B 32 46.87 -12.74 9.25
C LEU B 32 45.52 -13.27 9.75
N LYS B 33 44.63 -13.63 8.82
CA LYS B 33 43.29 -14.15 9.20
C LYS B 33 43.44 -15.19 10.34
N ASN B 34 44.51 -15.96 10.32
CA ASN B 34 44.74 -16.96 11.39
C ASN B 34 45.16 -16.27 12.70
N GLN B 35 46.21 -15.44 12.66
CA GLN B 35 46.72 -14.82 13.92
C GLN B 35 45.61 -13.97 14.54
N ILE B 36 44.96 -13.13 13.74
CA ILE B 36 43.89 -12.27 14.24
C ILE B 36 42.83 -13.10 14.94
N ARG B 37 42.45 -14.24 14.36
CA ARG B 37 41.45 -15.10 15.00
C ARG B 37 41.96 -15.61 16.34
N ASP B 38 43.23 -16.02 16.41
CA ASP B 38 43.78 -16.50 17.66
C ASP B 38 43.80 -15.40 18.71
N ALA B 39 43.84 -14.16 18.23
CA ALA B 39 43.81 -12.98 19.12
C ALA B 39 42.39 -12.66 19.58
N ARG B 40 41.40 -12.72 18.70
CA ARG B 40 40.00 -12.45 19.13
C ARG B 40 39.62 -13.49 20.19
N LYS B 41 39.85 -14.77 19.91
CA LYS B 41 39.46 -15.84 20.87
C LYS B 41 40.03 -15.50 22.25
N ALA B 42 41.15 -14.76 22.28
CA ALA B 42 41.79 -14.42 23.56
C ALA B 42 40.88 -13.48 24.36
N CYS B 43 40.35 -12.45 23.70
CA CYS B 43 39.42 -11.52 24.38
C CYS B 43 38.02 -12.15 24.40
N ALA B 44 37.93 -13.43 24.75
CA ALA B 44 36.63 -14.14 24.77
C ALA B 44 36.61 -15.17 25.90
N ASP B 45 36.31 -14.70 27.12
CA ASP B 45 36.25 -15.59 28.31
C ASP B 45 34.79 -15.88 28.64
N ALA B 46 33.92 -14.86 28.61
CA ALA B 46 32.51 -15.07 28.99
C ALA B 46 31.59 -14.83 27.78
N THR B 47 30.31 -15.13 27.95
CA THR B 47 29.33 -14.93 26.86
C THR B 47 28.21 -14.07 27.41
N LEU B 48 27.55 -13.28 26.56
CA LEU B 48 26.38 -12.50 27.05
C LEU B 48 25.58 -13.40 28.00
N SER B 49 25.23 -14.60 27.56
CA SER B 49 24.43 -15.53 28.40
C SER B 49 25.06 -15.65 29.79
N GLN B 50 26.29 -16.13 29.88
CA GLN B 50 26.91 -16.36 31.21
C GLN B 50 26.76 -15.09 32.05
N ILE B 51 27.03 -13.93 31.47
CA ILE B 51 26.97 -12.64 32.22
C ILE B 51 25.50 -12.28 32.49
N THR B 52 24.59 -12.61 31.58
CA THR B 52 23.18 -12.22 31.74
C THR B 52 22.37 -13.44 32.09
N ASN B 53 22.87 -14.27 33.00
CA ASN B 53 22.15 -15.51 33.39
C ASN B 53 21.41 -15.25 34.70
N ASN B 54 21.53 -14.03 35.22
CA ASN B 54 20.90 -13.73 36.53
C ASN B 54 19.89 -12.59 36.36
N ILE B 55 19.95 -11.87 35.22
CA ILE B 55 18.91 -10.84 34.95
C ILE B 55 17.55 -11.55 34.97
N ASP B 56 16.46 -10.79 35.07
CA ASP B 56 15.13 -11.44 35.12
C ASP B 56 14.50 -11.39 33.74
N PRO B 57 13.72 -12.40 33.28
CA PRO B 57 13.16 -12.41 31.89
C PRO B 57 12.25 -11.20 31.71
N VAL B 58 12.15 -10.69 30.48
CA VAL B 58 11.31 -9.49 30.24
C VAL B 58 9.85 -9.87 30.54
N GLY B 59 9.44 -11.09 30.19
CA GLY B 59 8.05 -11.51 30.42
C GLY B 59 7.45 -12.05 29.14
N ARG B 60 6.16 -11.77 28.89
CA ARG B 60 5.50 -12.20 27.64
C ARG B 60 4.97 -10.96 26.92
N ILE B 61 5.86 -10.21 26.27
CA ILE B 61 5.44 -8.97 25.55
C ILE B 61 4.24 -9.33 24.67
N GLN B 62 3.09 -8.70 24.90
CA GLN B 62 1.88 -8.97 24.09
C GLN B 62 1.41 -7.66 23.43
N MET B 63 2.05 -7.28 22.33
CA MET B 63 1.68 -6.03 21.61
C MET B 63 0.41 -6.30 20.79
N ARG B 64 -0.40 -5.27 20.55
CA ARG B 64 -1.64 -5.42 19.78
C ARG B 64 -1.69 -4.36 18.71
N THR B 65 -2.09 -4.73 17.51
CA THR B 65 -2.22 -3.74 16.47
C THR B 65 -3.02 -2.63 17.02
N ARG B 66 -2.55 -1.40 16.90
CA ARG B 66 -3.31 -0.23 17.35
C ARG B 66 -3.84 0.50 16.12
N ARG B 67 -3.11 0.49 15.01
CA ARG B 67 -3.54 1.13 13.78
C ARG B 67 -3.17 0.24 12.60
N THR B 68 -3.93 0.39 11.51
CA THR B 68 -3.69 -0.37 10.29
C THR B 68 -3.80 0.58 9.12
N LEU B 69 -2.68 0.85 8.45
CA LEU B 69 -2.65 1.72 7.29
C LEU B 69 -2.85 0.87 6.04
N ARG B 70 -3.94 1.11 5.32
CA ARG B 70 -4.39 0.25 4.23
C ARG B 70 -4.60 1.06 2.96
N GLY B 71 -3.63 1.91 2.63
CA GLY B 71 -3.74 2.73 1.44
C GLY B 71 -3.05 2.13 0.23
N HIS B 72 -2.00 1.36 0.46
CA HIS B 72 -1.21 0.81 -0.63
C HIS B 72 -2.00 -0.28 -1.38
N LEU B 73 -1.55 -0.57 -2.59
CA LEU B 73 -2.21 -1.56 -3.44
C LEU B 73 -1.27 -2.68 -3.86
N ALA B 74 -0.06 -2.73 -3.35
CA ALA B 74 0.91 -3.76 -3.72
C ALA B 74 1.84 -4.00 -2.54
N LYS B 75 2.87 -4.83 -2.76
CA LYS B 75 3.81 -5.15 -1.70
C LYS B 75 4.46 -3.88 -1.17
N ILE B 76 4.60 -3.79 0.15
CA ILE B 76 5.33 -2.71 0.80
C ILE B 76 6.74 -3.22 1.08
N TYR B 77 7.74 -2.48 0.59
CA TYR B 77 9.12 -2.92 0.66
C TYR B 77 9.96 -2.19 1.68
N ALA B 78 9.57 -1.01 2.12
CA ALA B 78 10.35 -0.27 3.10
C ALA B 78 9.46 0.75 3.80
N MET B 79 9.90 1.15 4.98
CA MET B 79 9.23 2.18 5.75
C MET B 79 10.24 2.84 6.68
N HIS B 80 9.92 4.04 7.12
CA HIS B 80 10.81 4.77 8.03
C HIS B 80 9.99 5.75 8.86
N TRP B 81 10.36 5.89 10.12
CA TRP B 81 9.72 6.83 11.02
C TRP B 81 10.41 8.20 10.94
N GLY B 82 9.61 9.25 11.10
CA GLY B 82 10.16 10.57 11.30
C GLY B 82 10.65 10.75 12.72
N THR B 83 11.52 11.74 12.89
CA THR B 83 12.08 11.99 14.22
C THR B 83 11.01 12.41 15.21
N ASP B 84 9.88 12.95 14.73
CA ASP B 84 8.80 13.32 15.62
C ASP B 84 8.05 12.11 16.18
N SER B 85 8.29 10.93 15.64
CA SER B 85 7.66 9.70 16.11
C SER B 85 6.17 9.67 15.82
N ARG B 86 5.72 10.48 14.88
CA ARG B 86 4.31 10.49 14.49
C ARG B 86 4.10 10.27 13.01
N LEU B 87 4.99 10.80 12.16
CA LEU B 87 4.88 10.64 10.72
C LEU B 87 5.85 9.56 10.25
N LEU B 88 5.39 8.73 9.32
CA LEU B 88 6.23 7.71 8.74
C LEU B 88 5.99 7.65 7.24
N VAL B 89 7.02 7.24 6.51
CA VAL B 89 6.97 7.12 5.06
C VAL B 89 7.15 5.66 4.69
N SER B 90 6.28 5.16 3.82
CA SER B 90 6.31 3.79 3.37
C SER B 90 6.30 3.75 1.85
N ALA B 91 7.07 2.82 1.29
CA ALA B 91 7.21 2.66 -0.15
C ALA B 91 6.75 1.26 -0.54
N SER B 92 5.98 1.17 -1.62
CA SER B 92 5.48 -0.10 -2.10
C SER B 92 5.70 -0.19 -3.61
N GLN B 93 5.54 -1.41 -4.13
CA GLN B 93 5.83 -1.66 -5.54
C GLN B 93 4.82 -1.02 -6.48
N ASP B 94 3.73 -0.46 -5.98
CA ASP B 94 2.78 0.24 -6.84
C ASP B 94 3.30 1.60 -7.29
N GLY B 95 4.57 1.89 -7.05
CA GLY B 95 5.16 3.14 -7.49
C GLY B 95 4.63 4.37 -6.81
N LYS B 96 4.46 4.32 -5.49
CA LYS B 96 3.95 5.45 -4.74
C LYS B 96 4.54 5.47 -3.34
N LEU B 97 4.83 6.68 -2.86
CA LEU B 97 5.27 6.91 -1.50
C LEU B 97 4.17 7.58 -0.71
N ILE B 98 3.90 7.09 0.49
CA ILE B 98 2.84 7.60 1.35
C ILE B 98 3.45 8.08 2.65
N ILE B 99 3.10 9.31 3.05
CA ILE B 99 3.46 9.84 4.35
C ILE B 99 2.24 9.69 5.25
N TRP B 100 2.38 8.87 6.28
CA TRP B 100 1.26 8.53 7.15
C TRP B 100 1.33 9.32 8.45
N ASP B 101 0.17 9.71 8.94
CA ASP B 101 0.02 10.28 10.29
C ASP B 101 -0.48 9.14 11.17
N SER B 102 0.45 8.45 11.82
CA SER B 102 0.10 7.23 12.55
C SER B 102 -0.97 7.49 13.60
N TYR B 103 -0.98 8.68 14.21
CA TYR B 103 -1.93 8.94 15.29
C TYR B 103 -3.36 8.88 14.77
N THR B 104 -3.62 9.47 13.60
CA THR B 104 -4.97 9.53 13.05
C THR B 104 -5.13 8.70 11.79
N THR B 105 -4.10 7.95 11.38
CA THR B 105 -4.16 7.12 10.17
C THR B 105 -4.59 7.94 8.95
N ASN B 106 -4.11 9.18 8.87
CA ASN B 106 -4.37 10.04 7.72
C ASN B 106 -3.16 10.05 6.79
N LYS B 107 -3.43 10.24 5.51
CA LYS B 107 -2.38 10.32 4.50
C LYS B 107 -2.00 11.78 4.32
N VAL B 108 -0.77 12.13 4.67
CA VAL B 108 -0.32 13.50 4.54
C VAL B 108 0.07 13.80 3.10
N HIS B 109 0.87 12.93 2.49
CA HIS B 109 1.32 13.10 1.12
C HIS B 109 1.26 11.77 0.38
N ALA B 110 1.05 11.85 -0.92
CA ALA B 110 1.14 10.70 -1.82
C ALA B 110 2.05 11.08 -2.97
N ILE B 111 3.22 10.48 -3.03
CA ILE B 111 4.27 10.85 -3.97
C ILE B 111 4.29 9.81 -5.10
N PRO B 112 3.99 10.18 -6.33
CA PRO B 112 4.08 9.21 -7.44
C PRO B 112 5.52 9.07 -7.91
N LEU B 113 6.06 7.85 -7.81
CA LEU B 113 7.45 7.60 -8.15
C LEU B 113 7.62 7.47 -9.66
N ARG B 114 8.73 8.01 -10.18
CA ARG B 114 9.01 7.88 -11.63
C ARG B 114 9.24 6.40 -11.95
N SER B 115 9.96 5.68 -11.08
CA SER B 115 10.19 4.26 -11.27
C SER B 115 9.42 3.49 -10.21
N SER B 116 8.59 2.53 -10.65
CA SER B 116 7.75 1.78 -9.74
C SER B 116 8.51 0.76 -8.91
N TRP B 117 9.74 0.45 -9.28
CA TRP B 117 10.51 -0.60 -8.59
C TRP B 117 11.35 0.02 -7.46
N VAL B 118 10.65 0.37 -6.39
CA VAL B 118 11.26 0.97 -5.21
C VAL B 118 11.43 -0.11 -4.15
N MET B 119 12.63 -0.21 -3.59
CA MET B 119 12.91 -1.19 -2.55
C MET B 119 13.43 -0.57 -1.27
N THR B 120 13.54 0.75 -1.17
CA THR B 120 14.01 1.38 0.05
C THR B 120 13.46 2.80 0.11
N CYS B 121 13.35 3.31 1.33
CA CYS B 121 12.92 4.68 1.56
C CYS B 121 13.52 5.16 2.87
N ALA B 122 13.65 6.47 3.00
CA ALA B 122 14.24 7.06 4.19
C ALA B 122 13.56 8.39 4.48
N TYR B 123 13.55 8.77 5.76
CA TYR B 123 12.98 10.02 6.22
C TYR B 123 14.10 10.90 6.75
N ALA B 124 14.19 12.12 6.24
CA ALA B 124 15.22 13.02 6.71
C ALA B 124 15.01 13.33 8.19
N PRO B 125 16.07 13.37 9.00
CA PRO B 125 15.89 13.70 10.42
C PRO B 125 15.21 15.04 10.64
N SER B 126 15.51 16.03 9.79
CA SER B 126 14.82 17.31 9.88
C SER B 126 13.37 17.21 9.43
N GLY B 127 13.02 16.20 8.65
CA GLY B 127 11.67 16.03 8.17
C GLY B 127 11.32 16.80 6.92
N ASN B 128 12.26 17.56 6.36
CA ASN B 128 11.99 18.34 5.16
C ASN B 128 12.16 17.54 3.88
N TYR B 129 12.81 16.39 3.93
CA TYR B 129 13.08 15.60 2.73
C TYR B 129 12.79 14.13 3.00
N VAL B 130 12.41 13.44 1.93
CA VAL B 130 12.23 11.99 1.95
C VAL B 130 12.91 11.42 0.72
N ALA B 131 13.66 10.34 0.91
CA ALA B 131 14.44 9.74 -0.15
C ALA B 131 13.94 8.32 -0.42
N CYS B 132 13.91 7.94 -1.69
CA CYS B 132 13.51 6.61 -2.09
C CYS B 132 14.40 6.14 -3.24
N GLY B 133 14.51 4.83 -3.35
CA GLY B 133 15.31 4.23 -4.41
C GLY B 133 14.91 2.80 -4.61
N GLY B 134 15.50 2.18 -5.63
CA GLY B 134 15.17 0.80 -5.94
C GLY B 134 15.93 0.21 -7.10
N LEU B 135 15.21 -0.49 -7.98
CA LEU B 135 15.81 -1.26 -9.05
C LEU B 135 16.26 -0.38 -10.22
N ASP B 136 16.15 0.93 -10.12
CA ASP B 136 16.59 1.85 -11.15
C ASP B 136 18.01 2.35 -10.93
N ASN B 137 18.66 1.93 -9.84
CA ASN B 137 20.04 2.24 -9.51
C ASN B 137 20.25 3.71 -9.12
N ILE B 138 19.20 4.47 -8.89
CA ILE B 138 19.33 5.87 -8.52
C ILE B 138 18.51 6.14 -7.28
N CYS B 139 18.99 7.09 -6.47
CA CYS B 139 18.32 7.51 -5.25
C CYS B 139 17.68 8.87 -5.48
N SER B 140 16.38 8.97 -5.25
CA SER B 140 15.64 10.20 -5.47
C SER B 140 15.36 10.90 -4.15
N ILE B 141 15.58 12.21 -4.14
CA ILE B 141 15.35 13.03 -2.96
C ILE B 141 14.15 13.92 -3.23
N TYR B 142 13.19 13.92 -2.31
CA TYR B 142 11.94 14.65 -2.46
C TYR B 142 11.86 15.76 -1.43
N ASN B 143 11.47 16.95 -1.88
CA ASN B 143 11.31 18.11 -1.01
C ASN B 143 9.87 18.17 -0.52
N LEU B 144 9.70 18.07 0.80
CA LEU B 144 8.36 18.09 1.38
C LEU B 144 7.88 19.49 1.68
N LYS B 145 8.79 20.42 1.98
CA LYS B 145 8.44 21.80 2.31
C LYS B 145 8.76 22.66 1.10
N THR B 146 7.72 23.12 0.41
CA THR B 146 7.87 23.96 -0.77
C THR B 146 6.84 25.08 -0.73
N ARG B 147 7.18 26.19 -1.40
CA ARG B 147 6.26 27.31 -1.49
C ARG B 147 5.02 26.97 -2.31
N GLU B 148 5.11 25.98 -3.20
CA GLU B 148 4.00 25.59 -4.05
C GLU B 148 3.12 24.54 -3.39
N GLY B 149 3.47 24.09 -2.20
CA GLY B 149 2.66 23.10 -1.49
C GLY B 149 2.52 21.78 -2.23
N ASN B 150 3.61 21.30 -2.82
CA ASN B 150 3.61 19.99 -3.47
C ASN B 150 4.99 19.37 -3.32
N VAL B 151 5.03 18.05 -3.40
CA VAL B 151 6.28 17.32 -3.27
C VAL B 151 6.96 17.28 -4.63
N ARG B 152 8.23 17.68 -4.65
CA ARG B 152 9.01 17.74 -5.88
C ARG B 152 10.30 16.98 -5.70
N VAL B 153 10.81 16.45 -6.81
CA VAL B 153 12.10 15.78 -6.79
C VAL B 153 13.20 16.84 -6.83
N SER B 154 14.03 16.85 -5.79
CA SER B 154 15.10 17.83 -5.67
C SER B 154 16.38 17.39 -6.34
N ARG B 155 16.82 16.16 -6.11
CA ARG B 155 18.04 15.66 -6.70
C ARG B 155 17.82 14.22 -7.14
N GLU B 156 18.56 13.82 -8.17
CA GLU B 156 18.50 12.46 -8.72
C GLU B 156 19.91 11.88 -8.59
N LEU B 157 20.19 11.28 -7.44
CA LEU B 157 21.51 10.71 -7.19
C LEU B 157 21.69 9.45 -8.01
N ALA B 158 22.42 9.55 -9.12
CA ALA B 158 22.62 8.45 -10.05
C ALA B 158 24.11 8.26 -10.28
N GLY B 159 24.75 7.51 -9.38
CA GLY B 159 26.14 7.15 -9.55
C GLY B 159 26.35 5.65 -9.42
N HIS B 160 25.37 4.97 -8.83
CA HIS B 160 25.49 3.55 -8.60
C HIS B 160 25.28 2.77 -9.90
N THR B 161 25.71 1.51 -9.88
CA THR B 161 25.55 0.61 -11.02
C THR B 161 24.45 -0.42 -10.78
N GLY B 162 24.37 -0.97 -9.57
CA GLY B 162 23.31 -1.89 -9.24
C GLY B 162 22.15 -1.21 -8.55
N TYR B 163 21.15 -2.02 -8.21
CA TYR B 163 19.94 -1.50 -7.58
C TYR B 163 20.26 -0.91 -6.21
N LEU B 164 19.52 0.13 -5.85
CA LEU B 164 19.61 0.69 -4.51
C LEU B 164 19.03 -0.29 -3.50
N SER B 165 19.66 -0.37 -2.34
CA SER B 165 19.27 -1.34 -1.33
C SER B 165 18.83 -0.66 -0.04
N CYS B 166 19.48 0.44 0.31
CA CYS B 166 19.12 1.18 1.52
C CYS B 166 19.60 2.61 1.39
N CYS B 167 18.94 3.50 2.12
CA CYS B 167 19.29 4.91 2.16
C CYS B 167 19.15 5.42 3.59
N ARG B 168 20.00 6.38 3.96
CA ARG B 168 19.93 7.00 5.26
C ARG B 168 20.44 8.43 5.17
N PHE B 169 19.82 9.32 5.93
CA PHE B 169 20.18 10.73 5.89
C PHE B 169 21.17 11.05 7.02
N LEU B 170 22.42 11.34 6.64
CA LEU B 170 23.37 11.84 7.62
C LEU B 170 22.89 13.16 8.21
N ASP B 171 22.43 14.06 7.35
CA ASP B 171 21.85 15.33 7.75
C ASP B 171 20.98 15.82 6.60
N ASP B 172 20.59 17.09 6.64
CA ASP B 172 19.71 17.62 5.60
C ASP B 172 20.39 17.65 4.24
N ASN B 173 21.72 17.48 4.18
CA ASN B 173 22.40 17.63 2.86
C ASN B 173 23.38 16.47 2.62
N GLN B 174 23.25 15.39 3.37
CA GLN B 174 24.12 14.24 3.18
C GLN B 174 23.31 12.97 3.35
N ILE B 175 23.55 11.99 2.48
CA ILE B 175 22.83 10.72 2.50
C ILE B 175 23.78 9.61 2.13
N VAL B 176 23.61 8.45 2.77
CA VAL B 176 24.40 7.26 2.50
C VAL B 176 23.48 6.21 1.87
N THR B 177 23.99 5.53 0.84
CA THR B 177 23.21 4.53 0.12
C THR B 177 24.04 3.28 -0.07
N SER B 178 23.35 2.16 -0.20
CA SER B 178 23.95 0.87 -0.52
C SER B 178 23.29 0.32 -1.77
N SER B 179 24.06 -0.42 -2.55
CA SER B 179 23.58 -0.89 -3.85
C SER B 179 24.11 -2.30 -4.10
N GLY B 180 23.78 -2.84 -5.27
CA GLY B 180 24.25 -4.14 -5.69
C GLY B 180 25.66 -4.16 -6.22
N ASP B 181 26.33 -3.02 -6.26
CA ASP B 181 27.74 -2.93 -6.65
C ASP B 181 28.67 -3.52 -5.62
N THR B 182 28.15 -4.04 -4.51
CA THR B 182 28.95 -4.41 -3.35
C THR B 182 29.66 -3.20 -2.76
N THR B 183 29.09 -2.02 -2.94
CA THR B 183 29.69 -0.79 -2.46
C THR B 183 28.62 0.14 -1.90
N CYS B 184 29.04 1.04 -1.02
CA CYS B 184 28.19 2.08 -0.47
C CYS B 184 28.82 3.44 -0.79
N ALA B 185 27.98 4.46 -0.89
CA ALA B 185 28.44 5.78 -1.27
C ALA B 185 27.82 6.82 -0.35
N LEU B 186 28.58 7.90 -0.13
CA LEU B 186 28.10 9.07 0.59
C LEU B 186 27.96 10.21 -0.40
N TRP B 187 26.82 10.88 -0.38
CA TRP B 187 26.49 11.87 -1.39
C TRP B 187 26.37 13.26 -0.78
N ASP B 188 26.69 14.25 -1.60
CA ASP B 188 26.43 15.67 -1.31
C ASP B 188 25.25 16.06 -2.19
N ILE B 189 24.10 16.32 -1.57
CA ILE B 189 22.87 16.46 -2.34
C ILE B 189 22.95 17.66 -3.28
N GLU B 190 23.41 18.79 -2.76
CA GLU B 190 23.52 20.02 -3.58
C GLU B 190 24.39 19.73 -4.81
N THR B 191 25.59 19.19 -4.60
CA THR B 191 26.50 18.95 -5.71
C THR B 191 26.04 17.77 -6.55
N GLY B 192 25.37 16.80 -5.93
CA GLY B 192 24.95 15.60 -6.63
C GLY B 192 26.07 14.60 -6.86
N GLN B 193 27.20 14.74 -6.19
CA GLN B 193 28.37 13.92 -6.42
C GLN B 193 28.66 13.05 -5.20
N GLN B 194 29.13 11.83 -5.45
CA GLN B 194 29.59 10.96 -4.38
C GLN B 194 30.86 11.53 -3.75
N THR B 195 30.77 11.97 -2.50
CA THR B 195 31.94 12.50 -1.80
C THR B 195 32.81 11.40 -1.21
N THR B 196 32.31 10.16 -1.15
CA THR B 196 33.07 9.04 -0.63
C THR B 196 32.47 7.76 -1.17
N THR B 197 33.30 6.71 -1.16
CA THR B 197 32.85 5.40 -1.60
C THR B 197 33.51 4.34 -0.73
N PHE B 198 32.72 3.31 -0.40
CA PHE B 198 33.21 2.26 0.51
C PHE B 198 33.19 0.94 -0.24
N THR B 199 34.36 0.41 -0.56
CA THR B 199 34.43 -0.82 -1.37
C THR B 199 35.00 -1.94 -0.53
N GLY B 200 34.66 -3.19 -0.87
CA GLY B 200 35.26 -4.35 -0.17
C GLY B 200 34.20 -5.34 0.27
N HIS B 201 32.94 -5.11 -0.08
CA HIS B 201 31.85 -6.00 0.43
C HIS B 201 31.75 -7.28 -0.42
N THR B 202 32.36 -7.29 -1.60
CA THR B 202 32.40 -8.53 -2.42
C THR B 202 31.05 -9.23 -2.40
N GLY B 203 29.96 -8.47 -2.31
CA GLY B 203 28.60 -9.05 -2.28
C GLY B 203 27.58 -7.94 -2.19
N ASP B 204 26.45 -8.09 -2.88
CA ASP B 204 25.40 -7.04 -2.89
C ASP B 204 25.18 -6.52 -1.46
N VAL B 205 25.52 -5.26 -1.19
CA VAL B 205 25.23 -4.70 0.15
C VAL B 205 23.71 -4.63 0.21
N MET B 206 23.12 -5.17 1.25
CA MET B 206 21.65 -5.28 1.27
C MET B 206 21.05 -4.40 2.35
N SER B 207 21.86 -3.87 3.25
CA SER B 207 21.31 -2.93 4.22
C SER B 207 22.45 -2.20 4.92
N LEU B 208 22.09 -1.11 5.59
CA LEU B 208 23.05 -0.34 6.37
C LEU B 208 22.30 0.38 7.47
N SER B 209 23.04 0.76 8.51
CA SER B 209 22.47 1.52 9.61
C SER B 209 23.46 2.58 10.05
N LEU B 210 22.93 3.68 10.55
CA LEU B 210 23.75 4.81 10.99
C LEU B 210 23.87 4.82 12.50
N ALA B 211 25.10 4.94 12.99
CA ALA B 211 25.30 5.02 14.43
C ALA B 211 24.70 6.31 14.96
N PRO B 212 24.24 6.31 16.21
CA PRO B 212 23.71 7.55 16.80
C PRO B 212 24.70 8.69 16.77
N ASP B 213 25.99 8.42 16.98
CA ASP B 213 26.99 9.47 16.87
C ASP B 213 27.12 9.98 15.44
N THR B 214 26.62 9.21 14.47
CA THR B 214 26.49 9.67 13.08
C THR B 214 27.86 9.75 12.40
N ARG B 215 28.89 9.22 13.04
CA ARG B 215 30.22 9.19 12.44
C ARG B 215 30.64 7.81 11.98
N LEU B 216 29.93 6.75 12.33
CA LEU B 216 30.19 5.41 11.83
C LEU B 216 28.88 4.76 11.44
N PHE B 217 28.96 3.81 10.51
CA PHE B 217 27.80 3.04 10.10
C PHE B 217 28.24 1.67 9.63
N VAL B 218 27.30 0.73 9.63
CA VAL B 218 27.57 -0.65 9.28
C VAL B 218 26.63 -1.07 8.15
N SER B 219 27.06 -2.07 7.39
CA SER B 219 26.29 -2.59 6.28
C SER B 219 26.47 -4.09 6.18
N GLY B 220 25.37 -4.78 5.88
CA GLY B 220 25.39 -6.22 5.67
C GLY B 220 25.26 -6.53 4.19
N ALA B 221 25.97 -7.57 3.75
CA ALA B 221 26.03 -7.91 2.34
C ALA B 221 25.80 -9.40 2.16
N CYS B 222 25.60 -9.80 0.91
CA CYS B 222 25.38 -11.20 0.57
C CYS B 222 26.62 -12.05 0.77
N ASP B 223 27.79 -11.45 0.99
CA ASP B 223 29.00 -12.19 1.29
C ASP B 223 29.03 -12.72 2.71
N ALA B 224 27.91 -12.65 3.43
CA ALA B 224 27.80 -13.20 4.77
C ALA B 224 28.71 -12.48 5.76
N SER B 225 28.90 -11.18 5.55
CA SER B 225 29.73 -10.38 6.44
C SER B 225 29.17 -8.97 6.51
N ALA B 226 29.44 -8.30 7.63
CA ALA B 226 29.09 -6.91 7.83
C ALA B 226 30.33 -6.14 8.22
N LYS B 227 30.49 -4.96 7.63
CA LYS B 227 31.69 -4.15 7.84
C LYS B 227 31.30 -2.78 8.38
N LEU B 228 32.08 -2.30 9.35
CA LEU B 228 31.88 -0.98 9.92
C LEU B 228 32.76 0.04 9.22
N TRP B 229 32.15 1.15 8.80
CA TRP B 229 32.83 2.15 8.00
C TRP B 229 32.94 3.45 8.77
N ASP B 230 34.01 4.19 8.50
CA ASP B 230 34.21 5.54 9.02
C ASP B 230 33.84 6.53 7.93
N VAL B 231 32.79 7.30 8.19
CA VAL B 231 32.26 8.25 7.15
C VAL B 231 33.31 9.33 6.86
N ARG B 232 33.90 9.91 7.91
CA ARG B 232 34.86 11.02 7.70
C ARG B 232 36.03 10.52 6.86
N GLU B 233 36.56 9.35 7.18
CA GLU B 233 37.73 8.80 6.45
C GLU B 233 37.24 8.14 5.15
N GLY B 234 36.54 7.01 5.27
CA GLY B 234 36.03 6.32 4.11
C GLY B 234 36.56 4.92 3.92
N MET B 235 37.08 4.34 4.99
CA MET B 235 37.68 2.99 4.92
C MET B 235 37.04 2.08 5.97
N CYS B 236 36.92 0.79 5.65
CA CYS B 236 36.40 -0.16 6.64
C CYS B 236 37.40 -0.33 7.77
N ARG B 237 36.89 -0.36 9.01
CA ARG B 237 37.72 -0.53 10.19
C ARG B 237 37.61 -1.91 10.80
N GLN B 238 36.39 -2.45 10.89
CA GLN B 238 36.16 -3.76 11.47
C GLN B 238 35.24 -4.57 10.56
N THR B 239 35.59 -5.82 10.33
CA THR B 239 34.79 -6.73 9.52
C THR B 239 34.31 -7.87 10.40
N PHE B 240 33.01 -8.11 10.40
CA PHE B 240 32.39 -9.13 11.23
C PHE B 240 31.92 -10.29 10.36
N THR B 241 32.12 -11.50 10.86
CA THR B 241 31.86 -12.71 10.08
C THR B 241 31.20 -13.73 11.00
N GLY B 242 31.14 -14.98 10.55
CA GLY B 242 30.47 -16.01 11.31
C GLY B 242 28.99 -16.13 11.02
N HIS B 243 28.53 -15.62 9.89
CA HIS B 243 27.12 -15.65 9.52
C HIS B 243 27.00 -16.56 8.31
N GLU B 244 26.14 -17.58 8.41
CA GLU B 244 26.19 -18.69 7.47
C GLU B 244 25.60 -18.36 6.11
N SER B 245 24.84 -17.29 5.97
CA SER B 245 24.20 -16.98 4.70
C SER B 245 24.20 -15.47 4.51
N ASP B 246 23.42 -15.00 3.54
CA ASP B 246 23.34 -13.57 3.26
C ASP B 246 22.87 -12.82 4.50
N ILE B 247 23.03 -11.50 4.46
CA ILE B 247 22.54 -10.62 5.51
C ILE B 247 21.54 -9.66 4.90
N ASN B 248 20.34 -9.60 5.47
CA ASN B 248 19.25 -8.81 4.92
C ASN B 248 18.89 -7.59 5.74
N ALA B 249 19.37 -7.48 6.98
CA ALA B 249 18.97 -6.38 7.84
C ALA B 249 20.05 -6.14 8.87
N ILE B 250 20.28 -4.87 9.19
CA ILE B 250 21.27 -4.46 10.18
C ILE B 250 20.72 -3.27 10.95
N CYS B 251 20.99 -3.24 12.24
CA CYS B 251 20.57 -2.12 13.08
C CYS B 251 21.55 -1.95 14.23
N PHE B 252 21.75 -0.69 14.62
CA PHE B 252 22.65 -0.37 15.71
C PHE B 252 21.95 -0.49 17.05
N PHE B 253 22.73 -0.85 18.06
CA PHE B 253 22.26 -0.78 19.43
C PHE B 253 22.01 0.69 19.81
N PRO B 254 21.08 0.94 20.73
CA PRO B 254 20.77 2.35 21.06
C PRO B 254 21.98 3.16 21.47
N ASN B 255 22.95 2.56 22.15
CA ASN B 255 24.14 3.28 22.56
C ASN B 255 25.19 3.36 21.46
N GLY B 256 24.93 2.78 20.30
CA GLY B 256 25.89 2.81 19.21
C GLY B 256 27.18 2.08 19.51
N ASN B 257 27.12 1.02 20.30
CA ASN B 257 28.29 0.23 20.65
C ASN B 257 28.18 -1.22 20.21
N ALA B 258 27.08 -1.58 19.55
CA ALA B 258 26.87 -2.93 19.03
C ALA B 258 25.77 -2.86 17.98
N PHE B 259 25.51 -3.99 17.33
CA PHE B 259 24.48 -4.03 16.31
C PHE B 259 24.03 -5.47 16.12
N ALA B 260 22.88 -5.63 15.48
CA ALA B 260 22.30 -6.93 15.20
C ALA B 260 22.01 -7.05 13.71
N THR B 261 22.06 -8.30 13.21
CA THR B 261 21.90 -8.56 11.79
C THR B 261 20.91 -9.70 11.58
N GLY B 262 20.10 -9.57 10.53
CA GLY B 262 19.26 -10.65 10.06
C GLY B 262 19.90 -11.38 8.89
N SER B 263 19.21 -12.39 8.40
CA SER B 263 19.76 -13.19 7.31
C SER B 263 18.75 -14.22 6.84
N ASP B 264 19.00 -14.75 5.65
CA ASP B 264 18.29 -15.92 5.15
C ASP B 264 18.69 -17.18 5.88
N ASP B 265 19.72 -17.11 6.72
CA ASP B 265 20.16 -18.22 7.56
C ASP B 265 19.14 -18.58 8.63
N ALA B 266 18.12 -17.73 8.83
CA ALA B 266 17.10 -17.92 9.85
C ALA B 266 17.59 -17.59 11.24
N THR B 267 18.67 -16.83 11.35
CA THR B 267 19.28 -16.50 12.63
C THR B 267 19.59 -15.02 12.69
N CYS B 268 19.46 -14.46 13.88
CA CYS B 268 19.88 -13.09 14.17
C CYS B 268 21.07 -13.12 15.10
N ARG B 269 21.93 -12.11 14.97
CA ARG B 269 23.16 -12.05 15.76
C ARG B 269 23.48 -10.60 16.05
N LEU B 270 24.19 -10.37 17.15
CA LEU B 270 24.69 -9.05 17.46
C LEU B 270 26.18 -9.14 17.76
N PHE B 271 26.90 -8.09 17.36
CA PHE B 271 28.34 -8.03 17.53
C PHE B 271 28.71 -6.77 18.30
N ASP B 272 29.84 -6.84 19.00
CA ASP B 272 30.34 -5.72 19.77
C ASP B 272 31.50 -5.08 19.03
N LEU B 273 31.40 -3.76 18.81
CA LEU B 273 32.44 -3.07 18.06
C LEU B 273 33.78 -3.14 18.77
N ARG B 274 33.79 -2.93 20.09
CA ARG B 274 35.04 -2.95 20.85
C ARG B 274 35.53 -4.36 21.14
N ALA B 275 34.71 -5.38 20.92
CA ALA B 275 35.12 -6.76 21.10
C ALA B 275 35.45 -7.48 19.80
N ASP B 276 35.00 -6.96 18.65
CA ASP B 276 35.25 -7.58 17.36
C ASP B 276 34.75 -9.02 17.33
N GLN B 277 33.66 -9.29 18.03
CA GLN B 277 33.22 -10.67 18.22
C GLN B 277 31.71 -10.74 18.25
N GLU B 278 31.21 -11.93 17.95
CA GLU B 278 29.80 -12.24 18.17
C GLU B 278 29.52 -12.34 19.66
N LEU B 279 28.40 -11.74 20.08
CA LEU B 279 27.99 -11.76 21.48
C LEU B 279 26.92 -12.79 21.77
N MET B 280 25.88 -12.87 20.93
CA MET B 280 24.77 -13.77 21.18
C MET B 280 24.09 -14.11 19.86
N THR B 281 23.42 -15.26 19.84
CA THR B 281 22.73 -15.74 18.66
C THR B 281 21.25 -15.96 18.99
N TYR B 282 20.38 -15.51 18.10
CA TYR B 282 18.93 -15.61 18.27
C TYR B 282 18.38 -16.54 17.20
N SER B 283 18.29 -17.82 17.51
CA SER B 283 17.78 -18.81 16.58
C SER B 283 16.92 -19.81 17.33
N HIS B 284 15.94 -20.36 16.63
CA HIS B 284 15.06 -21.38 17.19
C HIS B 284 14.90 -22.49 16.17
N ASP B 285 14.83 -23.73 16.67
CA ASP B 285 14.73 -24.87 15.78
C ASP B 285 13.45 -24.81 14.95
N ASN B 286 12.35 -24.39 15.58
CA ASN B 286 11.07 -24.32 14.86
C ASN B 286 11.13 -23.30 13.73
N ILE B 287 11.98 -22.29 13.84
CA ILE B 287 12.04 -21.21 12.87
C ILE B 287 13.04 -21.59 11.78
N ILE B 288 12.53 -21.79 10.56
CA ILE B 288 13.37 -22.02 9.38
C ILE B 288 12.87 -21.13 8.26
N CYS B 289 13.49 -19.97 8.12
CA CYS B 289 13.16 -19.01 7.06
C CYS B 289 14.09 -17.82 7.23
N GLY B 290 14.10 -16.95 6.23
CA GLY B 290 14.94 -15.77 6.28
C GLY B 290 14.37 -14.69 7.18
N ILE B 291 15.24 -13.74 7.51
CA ILE B 291 14.88 -12.57 8.30
C ILE B 291 15.05 -11.34 7.42
N THR B 292 14.00 -10.53 7.34
CA THR B 292 13.98 -9.39 6.43
C THR B 292 14.38 -8.08 7.10
N SER B 293 14.18 -7.93 8.40
CA SER B 293 14.48 -6.68 9.06
C SER B 293 14.66 -6.93 10.55
N VAL B 294 15.44 -6.06 11.19
CA VAL B 294 15.67 -6.11 12.63
C VAL B 294 15.58 -4.70 13.19
N SER B 295 15.27 -4.61 14.47
CA SER B 295 15.18 -3.32 15.15
C SER B 295 15.35 -3.54 16.64
N PHE B 296 15.74 -2.47 17.32
CA PHE B 296 15.96 -2.49 18.76
C PHE B 296 14.96 -1.57 19.45
N SER B 297 14.61 -1.93 20.67
CA SER B 297 13.76 -1.08 21.49
C SER B 297 14.58 0.08 22.05
N LYS B 298 13.89 1.08 22.59
CA LYS B 298 14.58 2.27 23.08
C LYS B 298 15.68 1.91 24.06
N SER B 299 15.39 1.03 25.01
CA SER B 299 16.39 0.62 25.98
C SER B 299 17.31 -0.48 25.47
N GLY B 300 17.01 -1.07 24.32
CA GLY B 300 17.81 -2.14 23.78
C GLY B 300 17.57 -3.50 24.40
N ARG B 301 16.66 -3.59 25.37
CA ARG B 301 16.35 -4.88 25.99
C ARG B 301 15.56 -5.77 25.06
N LEU B 302 14.84 -5.20 24.11
CA LEU B 302 13.98 -5.93 23.21
C LEU B 302 14.48 -5.80 21.78
N LEU B 303 14.66 -6.92 21.11
CA LEU B 303 15.07 -6.95 19.71
C LEU B 303 13.95 -7.54 18.87
N LEU B 304 13.51 -6.78 17.87
CA LEU B 304 12.42 -7.18 17.00
C LEU B 304 12.96 -7.52 15.62
N ALA B 305 12.44 -8.59 15.03
CA ALA B 305 12.93 -9.04 13.74
C ALA B 305 11.77 -9.57 12.91
N GLY B 306 11.63 -9.04 11.70
CA GLY B 306 10.65 -9.55 10.77
C GLY B 306 11.15 -10.82 10.08
N TYR B 307 10.23 -11.73 9.82
CA TYR B 307 10.57 -13.04 9.29
C TYR B 307 9.81 -13.32 8.01
N ASP B 308 10.33 -14.24 7.20
CA ASP B 308 9.63 -14.60 5.93
C ASP B 308 8.42 -15.48 6.25
N ASP B 309 8.23 -15.83 7.52
CA ASP B 309 7.12 -16.75 7.92
C ASP B 309 5.82 -15.94 8.08
N PHE B 310 5.79 -14.70 7.58
CA PHE B 310 4.56 -13.87 7.61
C PHE B 310 4.39 -13.23 9.00
N ASN B 311 5.30 -13.53 9.94
CA ASN B 311 5.16 -12.98 11.31
C ASN B 311 6.50 -12.42 11.79
N CYS B 312 6.47 -11.58 12.83
CA CYS B 312 7.71 -10.99 13.39
C CYS B 312 7.88 -11.46 14.84
N ASN B 313 9.06 -11.99 15.19
CA ASN B 313 9.22 -12.38 16.57
C ASN B 313 9.96 -11.30 17.36
N VAL B 314 9.78 -11.35 18.68
CA VAL B 314 10.43 -10.43 19.61
C VAL B 314 11.37 -11.24 20.48
N TRP B 315 12.63 -10.83 20.55
CA TRP B 315 13.66 -11.55 21.26
C TRP B 315 14.16 -10.72 22.43
N ASP B 316 14.40 -11.36 23.57
CA ASP B 316 15.05 -10.68 24.68
C ASP B 316 16.51 -10.44 24.33
N ALA B 317 16.97 -9.22 24.54
CA ALA B 317 18.28 -8.82 24.04
C ALA B 317 19.40 -9.64 24.66
N LEU B 318 19.32 -9.91 25.97
CA LEU B 318 20.42 -10.55 26.66
C LEU B 318 20.14 -12.01 26.95
N LYS B 319 18.87 -12.37 27.15
CA LYS B 319 18.52 -13.75 27.45
C LYS B 319 18.39 -14.60 26.19
N ALA B 320 18.29 -13.98 25.01
CA ALA B 320 18.16 -14.70 23.74
C ALA B 320 16.96 -15.66 23.78
N ASP B 321 15.83 -15.14 24.24
CA ASP B 321 14.58 -15.89 24.27
C ASP B 321 13.52 -15.12 23.52
N ARG B 322 12.67 -15.85 22.79
CA ARG B 322 11.57 -15.20 22.04
C ARG B 322 10.51 -14.74 23.05
N ALA B 323 10.62 -13.49 23.50
CA ALA B 323 9.66 -12.94 24.49
C ALA B 323 8.23 -13.16 23.99
N GLY B 324 7.95 -12.72 22.77
CA GLY B 324 6.61 -12.98 22.21
C GLY B 324 6.54 -12.85 20.71
N VAL B 325 5.89 -13.81 20.04
CA VAL B 325 5.68 -13.69 18.57
C VAL B 325 4.72 -12.51 18.40
N LEU B 326 4.81 -11.76 17.30
CA LEU B 326 3.97 -10.56 17.21
C LEU B 326 3.65 -10.21 15.75
N ALA B 327 2.62 -10.81 15.17
CA ALA B 327 2.26 -10.41 13.79
C ALA B 327 0.93 -11.02 13.34
N GLY B 328 0.16 -10.22 12.61
CA GLY B 328 -1.08 -10.72 12.01
C GLY B 328 -1.04 -10.41 10.53
N HIS B 329 0.16 -10.22 9.98
CA HIS B 329 0.33 -9.86 8.54
C HIS B 329 -0.01 -11.08 7.67
N ASP B 330 -0.35 -10.83 6.40
CA ASP B 330 -0.77 -11.95 5.50
C ASP B 330 0.40 -12.40 4.62
N ASN B 331 1.49 -11.63 4.53
CA ASN B 331 2.65 -12.11 3.72
C ASN B 331 3.97 -11.68 4.39
N ARG B 332 5.10 -12.04 3.77
CA ARG B 332 6.43 -11.72 4.35
C ARG B 332 6.44 -10.32 4.97
N VAL B 333 6.81 -10.21 6.26
CA VAL B 333 6.94 -8.87 6.91
C VAL B 333 8.20 -8.22 6.33
N SER B 334 8.04 -7.36 5.32
CA SER B 334 9.22 -6.78 4.63
C SER B 334 9.98 -5.80 5.53
N CYS B 335 9.29 -4.84 6.14
CA CYS B 335 10.00 -3.79 6.91
C CYS B 335 9.44 -3.69 8.35
N LEU B 336 10.29 -3.30 9.29
CA LEU B 336 9.86 -3.11 10.70
C LEU B 336 10.65 -1.93 11.28
N GLY B 337 10.00 -1.09 12.10
CA GLY B 337 10.68 0.10 12.64
C GLY B 337 10.08 0.54 13.96
N VAL B 338 10.93 0.88 14.93
CA VAL B 338 10.46 1.33 16.27
C VAL B 338 10.53 2.86 16.32
N THR B 339 9.53 3.52 16.90
CA THR B 339 9.50 4.99 16.97
C THR B 339 10.66 5.47 17.81
N ASP B 340 11.09 6.71 17.59
CA ASP B 340 12.23 7.28 18.35
C ASP B 340 11.88 7.34 19.83
N ASP B 341 10.61 7.59 20.16
CA ASP B 341 10.16 7.61 21.57
C ASP B 341 9.95 6.17 22.06
N GLY B 342 10.06 5.20 21.14
CA GLY B 342 9.91 3.79 21.52
C GLY B 342 8.47 3.45 21.80
N MET B 343 7.57 4.41 21.64
CA MET B 343 6.16 4.18 22.00
C MET B 343 5.58 3.04 21.15
N ALA B 344 5.90 2.99 19.86
CA ALA B 344 5.25 1.96 19.01
C ALA B 344 6.23 1.33 18.03
N VAL B 345 5.84 0.19 17.45
CA VAL B 345 6.68 -0.47 16.40
C VAL B 345 5.77 -0.67 15.17
N ALA B 346 6.24 -0.25 14.00
CA ALA B 346 5.42 -0.38 12.78
C ALA B 346 5.98 -1.52 11.92
N THR B 347 5.09 -2.39 11.42
CA THR B 347 5.52 -3.52 10.58
C THR B 347 4.86 -3.41 9.23
N GLY B 348 5.64 -3.46 8.16
CA GLY B 348 5.08 -3.43 6.80
C GLY B 348 5.26 -4.77 6.15
N SER B 349 4.26 -5.23 5.39
CA SER B 349 4.34 -6.60 4.81
C SER B 349 3.99 -6.58 3.32
N TRP B 350 4.14 -7.72 2.66
CA TRP B 350 3.86 -7.81 1.21
C TRP B 350 2.36 -7.89 0.98
N ASP B 351 1.56 -7.64 2.02
CA ASP B 351 0.08 -7.63 1.88
C ASP B 351 -0.42 -6.19 1.78
N SER B 352 0.45 -5.25 1.43
CA SER B 352 0.08 -3.84 1.32
C SER B 352 -0.62 -3.34 2.58
N PHE B 353 -0.12 -3.75 3.74
CA PHE B 353 -0.68 -3.29 5.01
C PHE B 353 0.44 -2.93 5.97
N LEU B 354 0.22 -1.84 6.72
CA LEU B 354 1.12 -1.40 7.77
C LEU B 354 0.38 -1.43 9.09
N LYS B 355 1.00 -2.02 10.11
CA LYS B 355 0.38 -2.17 11.42
C LYS B 355 1.26 -1.52 12.47
N ILE B 356 0.64 -0.78 13.38
CA ILE B 356 1.32 -0.15 14.51
C ILE B 356 1.05 -1.00 15.74
N TRP B 357 2.11 -1.45 16.39
CA TRP B 357 2.01 -2.30 17.56
C TRP B 357 2.48 -1.56 18.79
N ASN B 358 1.74 -1.70 19.89
CA ASN B 358 2.07 -1.02 21.12
C ASN B 358 1.69 -1.86 22.34
N ILE C 9 48.36 -10.06 -7.16
CA ILE C 9 49.21 -8.91 -7.43
C ILE C 9 48.72 -7.69 -6.64
N ALA C 10 48.13 -6.73 -7.35
CA ALA C 10 47.64 -5.52 -6.70
C ALA C 10 46.55 -5.83 -5.69
N GLN C 11 45.61 -6.72 -6.05
CA GLN C 11 44.52 -7.06 -5.15
C GLN C 11 45.04 -7.73 -3.88
N ALA C 12 45.99 -8.65 -4.02
CA ALA C 12 46.55 -9.30 -2.84
C ALA C 12 47.28 -8.30 -1.96
N ARG C 13 48.03 -7.39 -2.57
CA ARG C 13 48.71 -6.36 -1.79
C ARG C 13 47.73 -5.48 -1.04
N LYS C 14 46.64 -5.10 -1.70
CA LYS C 14 45.63 -4.27 -1.04
C LYS C 14 44.98 -5.03 0.11
N LEU C 15 44.68 -6.31 -0.09
CA LEU C 15 44.10 -7.11 0.99
C LEU C 15 45.04 -7.22 2.18
N VAL C 16 46.32 -7.47 1.93
CA VAL C 16 47.27 -7.59 3.03
C VAL C 16 47.42 -6.25 3.74
N GLU C 17 47.44 -5.15 2.99
CA GLU C 17 47.53 -3.83 3.61
C GLU C 17 46.32 -3.56 4.49
N GLN C 18 45.12 -3.90 4.00
CA GLN C 18 43.91 -3.71 4.80
C GLN C 18 43.96 -4.55 6.07
N LEU C 19 44.39 -5.81 5.97
CA LEU C 19 44.49 -6.64 7.15
C LEU C 19 45.59 -6.16 8.10
N LYS C 20 46.57 -5.40 7.60
CA LYS C 20 47.60 -4.86 8.47
C LYS C 20 47.02 -4.00 9.59
N MET C 21 45.85 -3.44 9.29
CA MET C 21 45.21 -2.48 10.24
C MET C 21 43.80 -2.93 10.64
N GLU C 22 43.35 -4.11 10.22
CA GLU C 22 42.04 -4.60 10.70
C GLU C 22 42.31 -5.53 11.88
N ALA C 23 43.57 -5.91 12.08
CA ALA C 23 43.94 -6.77 13.22
C ALA C 23 44.64 -5.93 14.28
N ASN C 24 44.80 -4.63 14.01
CA ASN C 24 45.43 -3.71 15.00
C ASN C 24 44.36 -3.21 15.98
N ILE C 25 43.09 -3.35 15.61
CA ILE C 25 41.97 -2.94 16.52
C ILE C 25 42.31 -3.39 17.95
N ASP C 26 42.28 -2.44 18.90
CA ASP C 26 42.46 -2.79 20.33
C ASP C 26 41.12 -3.38 20.76
N ARG C 27 41.10 -4.61 21.26
CA ARG C 27 39.79 -5.24 21.52
C ARG C 27 39.59 -5.40 23.03
N ILE C 28 38.45 -4.92 23.56
CA ILE C 28 38.22 -4.96 25.04
C ILE C 28 37.79 -6.37 25.45
N LYS C 29 37.81 -6.65 26.75
CA LYS C 29 37.38 -7.98 27.23
C LYS C 29 35.90 -8.15 26.89
N VAL C 30 35.53 -9.35 26.46
CA VAL C 30 34.16 -9.63 26.08
C VAL C 30 33.23 -9.60 27.29
N SER C 31 33.70 -10.12 28.42
CA SER C 31 32.86 -10.12 29.63
C SER C 31 32.54 -8.69 30.04
N LYS C 32 33.53 -7.80 30.02
CA LYS C 32 33.29 -6.41 30.40
C LYS C 32 32.39 -5.72 29.37
N ALA C 33 32.54 -6.04 28.09
CA ALA C 33 31.65 -5.46 27.08
C ALA C 33 30.21 -5.88 27.32
N ALA C 34 29.98 -7.17 27.60
CA ALA C 34 28.64 -7.64 27.89
C ALA C 34 28.09 -7.00 29.16
N ALA C 35 28.94 -6.83 30.18
CA ALA C 35 28.52 -6.18 31.40
C ALA C 35 28.11 -4.73 31.13
N ASP C 36 28.86 -4.03 30.28
CA ASP C 36 28.52 -2.66 29.94
C ASP C 36 27.18 -2.61 29.21
N LEU C 37 26.97 -3.54 28.27
CA LEU C 37 25.69 -3.60 27.57
C LEU C 37 24.54 -3.82 28.55
N MET C 38 24.72 -4.76 29.48
CA MET C 38 23.71 -5.02 30.49
C MET C 38 23.46 -3.81 31.37
N ALA C 39 24.51 -3.11 31.77
CA ALA C 39 24.35 -1.92 32.60
C ALA C 39 23.57 -0.84 31.88
N TYR C 40 23.88 -0.62 30.60
CA TYR C 40 23.13 0.37 29.83
C TYR C 40 21.66 -0.04 29.72
N CYS C 41 21.42 -1.33 29.46
CA CYS C 41 20.05 -1.81 29.34
C CYS C 41 19.28 -1.58 30.63
N GLU C 42 19.88 -1.92 31.77
CA GLU C 42 19.22 -1.72 33.05
C GLU C 42 18.98 -0.24 33.31
N ALA C 43 19.97 0.61 33.02
CA ALA C 43 19.82 2.03 33.29
C ALA C 43 18.70 2.65 32.49
N HIS C 44 18.59 2.30 31.21
CA HIS C 44 17.61 2.91 30.32
C HIS C 44 16.31 2.11 30.21
N ALA C 45 16.19 1.02 30.98
CA ALA C 45 14.99 0.19 30.88
C ALA C 45 13.74 0.87 31.41
N LYS C 46 13.91 1.87 32.28
CA LYS C 46 12.74 2.52 32.92
C LYS C 46 11.95 3.30 31.88
N GLU C 47 12.63 4.04 31.01
CA GLU C 47 11.94 4.87 30.03
C GLU C 47 11.36 4.07 28.87
N ASP C 48 11.75 2.82 28.72
CA ASP C 48 11.31 2.04 27.57
C ASP C 48 9.83 1.69 27.72
N PRO C 49 8.96 2.13 26.80
CA PRO C 49 7.54 1.83 26.95
C PRO C 49 7.17 0.43 26.49
N LEU C 50 7.85 -0.07 25.46
CA LEU C 50 7.55 -1.42 24.98
C LEU C 50 7.89 -2.48 26.02
N LEU C 51 9.02 -2.31 26.71
CA LEU C 51 9.39 -3.25 27.77
C LEU C 51 8.37 -3.22 28.90
N THR C 52 8.08 -2.03 29.42
CA THR C 52 7.13 -1.87 30.50
C THR C 52 5.87 -1.19 29.98
N PRO C 53 4.75 -1.89 29.92
CA PRO C 53 3.54 -1.27 29.35
C PRO C 53 3.16 -0.01 30.10
N VAL C 54 2.74 1.01 29.35
CA VAL C 54 2.37 2.29 29.92
C VAL C 54 0.86 2.30 30.16
N PRO C 55 0.35 3.17 31.01
CA PRO C 55 -1.09 3.22 31.25
C PRO C 55 -1.84 3.58 29.98
N ALA C 56 -3.10 3.13 29.91
CA ALA C 56 -3.92 3.44 28.75
C ALA C 56 -3.98 4.95 28.50
N SER C 57 -3.89 5.74 29.57
CA SER C 57 -3.79 7.21 29.39
C SER C 57 -2.31 7.52 29.14
N GLU C 58 -2.01 8.54 28.35
CA GLU C 58 -0.59 8.85 27.98
C GLU C 58 -0.15 7.85 26.91
N ASN C 59 -1.09 7.14 26.30
CA ASN C 59 -0.75 6.21 25.19
C ASN C 59 -1.19 6.84 23.87
N PRO C 60 -0.28 7.44 23.07
CA PRO C 60 -0.66 8.14 21.81
C PRO C 60 -1.60 7.29 20.99
N PHE C 61 -1.31 5.99 20.89
CA PHE C 61 -2.14 5.07 20.06
C PHE C 61 -3.23 4.45 20.92
N ARG C 62 -4.23 5.24 21.29
CA ARG C 62 -5.36 4.73 22.12
C ARG C 62 -4.85 3.58 23.01
N TYR D 69 -52.28 -27.89 14.78
CA TYR D 69 -50.92 -28.24 14.31
C TYR D 69 -50.26 -29.17 15.33
N SER D 70 -49.00 -29.55 15.09
CA SER D 70 -48.30 -30.51 15.99
C SER D 70 -48.05 -29.86 17.36
N LEU D 71 -47.86 -30.68 18.40
CA LEU D 71 -47.68 -30.13 19.77
C LEU D 71 -46.20 -30.29 20.20
N GLN D 72 -45.56 -31.39 19.79
CA GLN D 72 -44.13 -31.61 20.13
C GLN D 72 -43.33 -31.58 18.82
N VAL D 73 -43.96 -32.02 17.72
CA VAL D 73 -43.28 -31.99 16.40
C VAL D 73 -43.05 -30.51 16.03
N THR D 74 -43.94 -29.62 16.49
CA THR D 74 -43.74 -28.18 16.24
C THR D 74 -42.40 -27.77 16.81
N LEU D 75 -42.05 -28.30 17.98
CA LEU D 75 -40.73 -28.00 18.59
C LEU D 75 -39.64 -28.51 17.63
N THR D 76 -39.83 -29.71 17.09
CA THR D 76 -38.83 -30.27 16.14
C THR D 76 -38.73 -29.36 14.93
N LEU D 77 -39.87 -28.94 14.38
CA LEU D 77 -39.86 -28.08 13.18
C LEU D 77 -39.19 -26.75 13.52
N VAL D 78 -39.66 -26.09 14.58
CA VAL D 78 -39.11 -24.73 14.91
C VAL D 78 -37.62 -24.93 15.17
N CYS D 79 -37.28 -25.91 15.99
CA CYS D 79 -35.83 -26.21 16.18
C CYS D 79 -35.15 -26.33 14.80
N LEU D 80 -35.67 -27.20 13.94
CA LEU D 80 -34.93 -27.39 12.65
C LEU D 80 -34.75 -26.06 11.85
N ALA D 81 -35.78 -25.23 11.77
CA ALA D 81 -35.71 -24.00 10.94
C ALA D 81 -34.80 -22.97 11.58
N GLY D 82 -34.77 -22.94 12.91
CA GLY D 82 -33.82 -22.03 13.56
C GLY D 82 -32.44 -22.48 13.17
N LEU D 83 -32.21 -23.78 13.22
CA LEU D 83 -30.90 -24.30 12.73
C LEU D 83 -30.63 -23.70 11.34
N LEU D 84 -31.59 -23.88 10.42
CA LEU D 84 -31.40 -23.34 9.04
C LEU D 84 -30.97 -21.87 9.08
N MET D 85 -31.79 -21.00 9.69
CA MET D 85 -31.50 -19.56 9.75
C MET D 85 -30.06 -19.35 10.23
N LEU D 86 -29.71 -19.96 11.35
CA LEU D 86 -28.34 -19.83 11.91
C LEU D 86 -27.34 -20.13 10.80
N LEU D 87 -27.33 -21.36 10.30
CA LEU D 87 -26.32 -21.73 9.28
C LEU D 87 -26.25 -20.65 8.20
N THR D 88 -27.41 -20.27 7.64
CA THR D 88 -27.44 -19.26 6.56
C THR D 88 -26.70 -18.01 6.97
N VAL D 89 -27.22 -17.31 7.97
CA VAL D 89 -26.59 -16.01 8.36
C VAL D 89 -25.09 -16.26 8.55
N PHE D 90 -24.71 -17.27 9.33
CA PHE D 90 -23.29 -17.54 9.60
C PHE D 90 -22.51 -17.53 8.30
N GLY D 91 -22.78 -18.49 7.41
CA GLY D 91 -22.00 -18.58 6.16
C GLY D 91 -21.98 -17.29 5.38
N ASN D 92 -23.16 -16.67 5.21
CA ASN D 92 -23.19 -15.45 4.34
C ASN D 92 -22.32 -14.35 4.95
N VAL D 93 -22.36 -14.16 6.26
CA VAL D 93 -21.60 -13.04 6.88
C VAL D 93 -20.12 -13.41 6.82
N LEU D 94 -19.82 -14.70 6.99
CA LEU D 94 -18.43 -15.17 6.86
C LEU D 94 -17.94 -14.69 5.49
N VAL D 95 -18.72 -14.96 4.44
CA VAL D 95 -18.33 -14.51 3.08
C VAL D 95 -18.15 -12.98 3.09
N ILE D 96 -19.17 -12.23 3.46
CA ILE D 96 -19.09 -10.73 3.40
C ILE D 96 -17.80 -10.27 4.07
N ILE D 97 -17.35 -10.96 5.12
CA ILE D 97 -16.13 -10.52 5.87
C ILE D 97 -14.91 -10.92 5.03
N ALA D 98 -14.72 -12.22 4.88
CA ALA D 98 -13.61 -12.71 4.04
C ALA D 98 -13.51 -11.80 2.83
N VAL D 99 -14.64 -11.66 2.11
CA VAL D 99 -14.46 -10.85 0.91
C VAL D 99 -13.98 -9.45 1.27
N PHE D 100 -14.52 -8.87 2.34
CA PHE D 100 -14.15 -7.51 2.70
C PHE D 100 -12.80 -7.44 3.41
N THR D 101 -12.33 -8.55 3.96
CA THR D 101 -11.06 -8.54 4.70
C THR D 101 -9.90 -9.13 3.91
N SER D 102 -10.15 -9.76 2.78
CA SER D 102 -9.10 -10.41 2.00
C SER D 102 -8.63 -9.48 0.88
N ARG D 103 -7.34 -9.14 0.89
CA ARG D 103 -6.80 -8.29 -0.15
C ARG D 103 -6.87 -8.96 -1.52
N ALA D 104 -6.55 -10.26 -1.57
CA ALA D 104 -6.61 -10.97 -2.84
C ALA D 104 -8.02 -11.04 -3.40
N LEU D 105 -9.03 -10.79 -2.58
CA LEU D 105 -10.42 -10.78 -3.02
C LEU D 105 -10.89 -9.42 -3.47
N LYS D 106 -9.99 -8.44 -3.55
CA LYS D 106 -10.36 -7.11 -4.02
C LYS D 106 -10.51 -7.09 -5.53
N ALA D 107 -11.54 -7.76 -6.04
CA ALA D 107 -11.85 -7.77 -7.45
C ALA D 107 -13.29 -7.34 -7.67
N PRO D 108 -13.58 -6.65 -8.78
CA PRO D 108 -14.93 -6.15 -9.00
C PRO D 108 -15.99 -7.23 -9.05
N GLN D 109 -15.64 -8.46 -9.43
CA GLN D 109 -16.63 -9.51 -9.55
C GLN D 109 -17.18 -9.97 -8.21
N ASN D 110 -16.44 -9.80 -7.12
CA ASN D 110 -16.90 -10.24 -5.81
C ASN D 110 -17.99 -9.35 -5.23
N LEU D 111 -18.25 -8.20 -5.84
CA LEU D 111 -19.40 -7.41 -5.41
C LEU D 111 -20.70 -8.16 -5.61
N PHE D 112 -20.76 -8.99 -6.66
CA PHE D 112 -21.93 -9.84 -6.85
C PHE D 112 -22.11 -10.79 -5.69
N LEU D 113 -21.01 -11.41 -5.25
CA LEU D 113 -21.08 -12.31 -4.10
C LEU D 113 -21.50 -11.57 -2.84
N VAL D 114 -20.97 -10.36 -2.65
CA VAL D 114 -21.33 -9.57 -1.46
C VAL D 114 -22.83 -9.26 -1.48
N SER D 115 -23.35 -8.84 -2.63
CA SER D 115 -24.77 -8.52 -2.72
C SER D 115 -25.63 -9.77 -2.51
N LEU D 116 -25.22 -10.90 -3.07
CA LEU D 116 -25.97 -12.12 -2.87
C LEU D 116 -25.99 -12.52 -1.41
N ALA D 117 -24.84 -12.41 -0.73
CA ALA D 117 -24.78 -12.74 0.68
C ALA D 117 -25.68 -11.81 1.50
N SER D 118 -25.65 -10.52 1.19
CA SER D 118 -26.49 -9.58 1.93
C SER D 118 -27.97 -9.89 1.72
N ALA D 119 -28.38 -10.15 0.48
CA ALA D 119 -29.77 -10.49 0.22
C ALA D 119 -30.18 -11.75 0.95
N ASP D 120 -29.31 -12.76 0.94
CA ASP D 120 -29.64 -14.01 1.62
C ASP D 120 -29.74 -13.80 3.13
N ILE D 121 -28.85 -12.98 3.69
CA ILE D 121 -28.94 -12.68 5.12
C ILE D 121 -30.26 -12.00 5.43
N LEU D 122 -30.65 -11.01 4.63
CA LEU D 122 -31.92 -10.33 4.87
C LEU D 122 -33.07 -11.32 4.83
N VAL D 123 -33.12 -12.15 3.79
CA VAL D 123 -34.23 -13.09 3.66
C VAL D 123 -34.26 -14.03 4.85
N ALA D 124 -33.14 -14.66 5.16
CA ALA D 124 -33.11 -15.62 6.25
C ALA D 124 -33.50 -14.97 7.57
N THR D 125 -32.98 -13.77 7.84
CA THR D 125 -33.23 -13.14 9.12
C THR D 125 -34.68 -12.71 9.29
N LEU D 126 -35.32 -12.21 8.23
CA LEU D 126 -36.63 -11.60 8.46
C LEU D 126 -37.78 -12.43 7.89
N VAL D 127 -37.66 -12.90 6.66
CA VAL D 127 -38.80 -13.57 6.04
C VAL D 127 -39.07 -14.92 6.70
N ILE D 128 -38.00 -15.63 7.10
CA ILE D 128 -38.17 -16.99 7.64
C ILE D 128 -39.05 -16.99 8.87
N PRO D 129 -38.85 -16.14 9.87
CA PRO D 129 -39.70 -16.22 11.07
C PRO D 129 -41.18 -16.07 10.77
N PHE D 130 -41.54 -15.18 9.85
CA PHE D 130 -42.95 -15.01 9.53
C PHE D 130 -43.53 -16.25 8.87
N SER D 131 -42.70 -16.91 8.07
CA SER D 131 -43.10 -18.20 7.45
C SER D 131 -42.87 -19.32 8.46
N LEU D 132 -41.91 -19.17 9.36
CA LEU D 132 -41.72 -20.18 10.43
C LEU D 132 -42.90 -20.02 11.39
N ALA D 133 -43.25 -18.78 11.70
CA ALA D 133 -44.44 -18.55 12.54
C ALA D 133 -45.62 -19.17 11.80
N ASN D 134 -45.84 -18.73 10.57
CA ASN D 134 -46.92 -19.35 9.76
C ASN D 134 -46.63 -20.85 9.71
N GLU D 135 -47.62 -21.67 9.37
CA GLU D 135 -47.42 -23.14 9.42
C GLU D 135 -47.27 -23.57 10.90
N VAL D 136 -46.28 -23.01 11.62
CA VAL D 136 -46.12 -23.49 13.03
C VAL D 136 -47.32 -22.97 13.83
N MET D 137 -47.37 -21.67 14.06
CA MET D 137 -48.56 -21.10 14.74
C MET D 137 -49.77 -21.71 14.05
N GLY D 138 -49.76 -21.74 12.71
CA GLY D 138 -50.85 -22.39 11.96
C GLY D 138 -51.71 -21.36 11.27
N TYR D 139 -51.51 -20.08 11.61
CA TYR D 139 -52.34 -19.00 11.02
C TYR D 139 -51.57 -17.69 11.11
N TRP D 140 -51.99 -16.68 10.33
CA TRP D 140 -51.27 -15.38 10.32
C TRP D 140 -51.70 -14.54 11.51
N TYR D 141 -51.07 -14.76 12.67
CA TYR D 141 -51.44 -14.02 13.91
C TYR D 141 -50.89 -12.59 13.82
N PHE D 142 -49.88 -12.40 12.97
CA PHE D 142 -49.24 -11.05 12.86
C PHE D 142 -50.22 -10.12 12.14
N GLY D 143 -49.91 -8.81 12.15
CA GLY D 143 -50.84 -7.85 11.53
C GLY D 143 -51.24 -8.27 10.13
N LYS D 144 -52.55 -8.38 9.88
CA LYS D 144 -53.03 -8.74 8.52
C LYS D 144 -52.62 -7.61 7.56
N ALA D 145 -52.32 -6.42 8.11
CA ALA D 145 -51.85 -5.29 7.27
C ALA D 145 -50.43 -5.58 6.79
N TRP D 146 -49.90 -6.75 7.12
CA TRP D 146 -48.50 -7.09 6.74
C TRP D 146 -48.45 -8.20 5.70
N CYS D 147 -49.55 -8.94 5.49
CA CYS D 147 -49.38 -10.04 4.54
C CYS D 147 -49.02 -9.52 3.15
N GLU D 148 -49.73 -8.48 2.71
CA GLU D 148 -49.51 -7.90 1.39
C GLU D 148 -48.11 -7.36 1.20
N ILE D 149 -47.41 -7.03 2.29
CA ILE D 149 -46.02 -6.62 2.20
C ILE D 149 -45.05 -7.74 2.52
N TYR D 150 -45.39 -8.63 3.46
CA TYR D 150 -44.52 -9.76 3.74
C TYR D 150 -44.33 -10.63 2.50
N LEU D 151 -45.41 -10.97 1.82
CA LEU D 151 -45.30 -11.81 0.63
C LEU D 151 -44.46 -11.14 -0.44
N ALA D 152 -44.70 -9.85 -0.67
CA ALA D 152 -43.94 -9.13 -1.69
C ALA D 152 -42.47 -9.08 -1.35
N LEU D 153 -42.13 -8.82 -0.10
CA LEU D 153 -40.72 -8.75 0.29
C LEU D 153 -40.05 -10.12 0.16
N ASP D 154 -40.76 -11.19 0.53
CA ASP D 154 -40.22 -12.53 0.32
C ASP D 154 -39.92 -12.79 -1.15
N VAL D 155 -40.90 -12.48 -2.01
CA VAL D 155 -40.70 -12.69 -3.44
C VAL D 155 -39.51 -11.88 -3.92
N LEU D 156 -39.40 -10.63 -3.47
CA LEU D 156 -38.31 -9.78 -3.93
C LEU D 156 -36.97 -10.34 -3.52
N PHE D 157 -36.84 -10.78 -2.25
CA PHE D 157 -35.57 -11.31 -1.80
C PHE D 157 -35.17 -12.56 -2.57
N CYS D 158 -36.10 -13.50 -2.73
CA CYS D 158 -35.77 -14.73 -3.44
C CYS D 158 -35.41 -14.45 -4.90
N THR D 159 -36.18 -13.60 -5.57
CA THR D 159 -35.89 -13.30 -6.96
C THR D 159 -34.56 -12.56 -7.09
N SER D 160 -34.24 -11.71 -6.12
CA SER D 160 -32.96 -11.02 -6.14
C SER D 160 -31.81 -11.99 -6.00
N SER D 161 -31.94 -12.98 -5.12
CA SER D 161 -30.90 -14.00 -5.00
C SER D 161 -30.72 -14.75 -6.31
N ILE D 162 -31.84 -15.16 -6.92
CA ILE D 162 -31.76 -15.92 -8.18
C ILE D 162 -31.11 -15.07 -9.26
N VAL D 163 -31.50 -13.80 -9.35
CA VAL D 163 -30.94 -12.92 -10.38
C VAL D 163 -29.46 -12.65 -10.12
N HIS D 164 -29.06 -12.57 -8.86
CA HIS D 164 -27.64 -12.43 -8.55
C HIS D 164 -26.85 -13.65 -9.03
N LEU D 165 -27.41 -14.84 -8.81
CA LEU D 165 -26.75 -16.04 -9.31
C LEU D 165 -26.62 -15.99 -10.83
N CYS D 166 -27.70 -15.61 -11.52
CA CYS D 166 -27.68 -15.55 -12.98
C CYS D 166 -26.66 -14.52 -13.47
N ALA D 167 -26.60 -13.36 -12.81
CA ALA D 167 -25.66 -12.32 -13.21
C ALA D 167 -24.22 -12.77 -12.99
N ILE D 168 -23.96 -13.49 -11.90
CA ILE D 168 -22.62 -14.01 -11.66
C ILE D 168 -22.25 -15.00 -12.75
N SER D 169 -23.18 -15.87 -13.12
CA SER D 169 -22.90 -16.82 -14.20
C SER D 169 -22.63 -16.10 -15.51
N LEU D 170 -23.41 -15.06 -15.81
CA LEU D 170 -23.21 -14.32 -17.06
C LEU D 170 -21.85 -13.62 -17.05
N ASP D 171 -21.46 -13.05 -15.92
CA ASP D 171 -20.15 -12.41 -15.83
C ASP D 171 -19.04 -13.43 -16.03
N ARG D 172 -19.19 -14.63 -15.44
CA ARG D 172 -18.19 -15.66 -15.64
C ARG D 172 -18.08 -16.04 -17.11
N TYR D 173 -19.22 -16.21 -17.78
CA TYR D 173 -19.21 -16.57 -19.19
C TYR D 173 -18.53 -15.49 -20.02
N TRP D 174 -18.89 -14.24 -19.78
CA TRP D 174 -18.32 -13.14 -20.54
C TRP D 174 -16.85 -12.92 -20.22
N SER D 175 -16.40 -13.36 -19.04
CA SER D 175 -14.99 -13.30 -18.72
C SER D 175 -14.22 -14.41 -19.43
N ILE D 176 -14.82 -15.60 -19.53
CA ILE D 176 -14.16 -16.70 -20.21
C ILE D 176 -14.10 -16.49 -21.73
N THR D 177 -15.17 -15.98 -22.33
CA THR D 177 -15.19 -15.68 -23.76
C THR D 177 -15.19 -14.17 -23.95
N GLN D 178 -14.51 -13.71 -24.99
CA GLN D 178 -14.23 -12.28 -25.17
C GLN D 178 -13.54 -11.72 -23.92
N ALA D 179 -12.56 -12.48 -23.44
CA ALA D 179 -11.91 -12.16 -22.16
C ALA D 179 -11.26 -10.79 -22.19
N ILE D 180 -10.53 -10.48 -23.27
CA ILE D 180 -9.82 -9.20 -23.31
C ILE D 180 -10.80 -8.04 -23.25
N GLU D 181 -11.82 -8.07 -24.10
CA GLU D 181 -12.78 -6.97 -24.13
C GLU D 181 -13.50 -6.84 -22.79
N TYR D 182 -13.96 -7.95 -22.22
CA TYR D 182 -14.71 -7.85 -20.98
C TYR D 182 -13.83 -7.43 -19.82
N ASN D 183 -12.57 -7.86 -19.78
CA ASN D 183 -11.65 -7.37 -18.78
C ASN D 183 -11.44 -5.86 -18.93
N LEU D 184 -11.33 -5.39 -20.17
CA LEU D 184 -11.31 -3.95 -20.40
C LEU D 184 -12.57 -3.30 -19.84
N LYS D 185 -13.69 -3.99 -19.92
CA LYS D 185 -14.97 -3.49 -19.42
C LYS D 185 -15.39 -4.15 -18.09
N ARG D 186 -14.41 -4.49 -17.25
CA ARG D 186 -14.77 -5.06 -15.93
C ARG D 186 -14.52 -3.97 -14.87
N THR D 187 -15.10 -2.79 -15.08
CA THR D 187 -14.95 -1.72 -14.10
C THR D 187 -15.90 -1.93 -12.92
N PRO D 188 -15.46 -1.57 -11.71
CA PRO D 188 -16.37 -1.60 -10.56
C PRO D 188 -17.61 -0.75 -10.78
N ARG D 189 -17.52 0.32 -11.57
CA ARG D 189 -18.72 1.08 -11.90
C ARG D 189 -19.73 0.19 -12.62
N ARG D 190 -19.26 -0.60 -13.59
CA ARG D 190 -20.18 -1.52 -14.27
C ARG D 190 -20.70 -2.59 -13.32
N ILE D 191 -19.84 -3.07 -12.41
CA ILE D 191 -20.29 -4.06 -11.44
C ILE D 191 -21.43 -3.51 -10.60
N LYS D 192 -21.27 -2.29 -10.09
CA LYS D 192 -22.33 -1.67 -9.29
C LYS D 192 -23.57 -1.41 -10.14
N ALA D 193 -23.39 -1.02 -11.40
CA ALA D 193 -24.54 -0.80 -12.27
C ALA D 193 -25.33 -2.09 -12.44
N ILE D 194 -24.63 -3.21 -12.63
CA ILE D 194 -25.30 -4.50 -12.74
C ILE D 194 -26.02 -4.85 -11.45
N ILE D 195 -25.39 -4.57 -10.30
CA ILE D 195 -26.02 -4.87 -9.02
C ILE D 195 -27.33 -4.08 -8.88
N ILE D 196 -27.28 -2.78 -9.19
CA ILE D 196 -28.47 -1.96 -9.07
C ILE D 196 -29.54 -2.41 -10.06
N THR D 197 -29.14 -2.81 -11.27
CA THR D 197 -30.12 -3.29 -12.22
C THR D 197 -30.80 -4.56 -11.71
N VAL D 198 -30.03 -5.46 -11.11
CA VAL D 198 -30.61 -6.68 -10.55
C VAL D 198 -31.60 -6.34 -9.45
N TRP D 199 -31.20 -5.44 -8.54
CA TRP D 199 -32.10 -5.08 -7.44
C TRP D 199 -33.37 -4.41 -7.97
N VAL D 200 -33.23 -3.55 -8.97
CA VAL D 200 -34.40 -2.85 -9.50
C VAL D 200 -35.32 -3.82 -10.22
N ILE D 201 -34.78 -4.78 -10.97
CA ILE D 201 -35.64 -5.75 -11.62
C ILE D 201 -36.37 -6.60 -10.57
N SER D 202 -35.67 -6.87 -9.48
CA SER D 202 -36.24 -7.68 -8.37
C SER D 202 -37.38 -6.92 -7.70
N ALA D 203 -37.21 -5.61 -7.54
CA ALA D 203 -38.25 -4.75 -6.96
C ALA D 203 -39.43 -4.62 -7.92
N VAL D 204 -39.16 -4.48 -9.22
CA VAL D 204 -40.23 -4.36 -10.20
C VAL D 204 -41.07 -5.63 -10.24
N ILE D 205 -40.42 -6.79 -10.23
CA ILE D 205 -41.17 -8.06 -10.31
C ILE D 205 -42.00 -8.25 -9.05
N SER D 206 -41.49 -7.80 -7.91
CA SER D 206 -42.21 -7.97 -6.65
C SER D 206 -43.22 -6.86 -6.36
N PHE D 207 -43.22 -5.77 -7.14
CA PHE D 207 -44.12 -4.65 -6.84
C PHE D 207 -45.58 -5.04 -6.95
N PRO D 208 -46.05 -5.69 -8.04
CA PRO D 208 -47.43 -6.22 -8.10
C PRO D 208 -47.53 -7.37 -7.11
N PRO D 209 -48.60 -7.45 -6.29
CA PRO D 209 -49.68 -8.45 -6.48
C PRO D 209 -50.77 -7.90 -7.38
N PRO D 227 -57.50 -14.08 10.05
CA PRO D 227 -56.52 -14.89 10.82
C PRO D 227 -55.67 -15.71 9.87
N ARG D 228 -55.44 -15.19 8.66
CA ARG D 228 -54.70 -16.02 7.68
C ARG D 228 -54.04 -15.16 6.59
N CYS D 229 -53.10 -15.75 5.87
CA CYS D 229 -52.42 -15.10 4.75
C CYS D 229 -51.94 -16.16 3.77
N GLU D 230 -52.32 -16.00 2.50
CA GLU D 230 -51.87 -16.88 1.44
C GLU D 230 -51.16 -16.06 0.39
N ILE D 231 -50.37 -16.74 -0.45
CA ILE D 231 -49.67 -16.12 -1.56
C ILE D 231 -50.68 -15.73 -2.64
N ASN D 232 -50.26 -14.90 -3.59
CA ASN D 232 -51.13 -14.47 -4.66
C ASN D 232 -51.56 -15.66 -5.51
N ASP D 233 -52.80 -15.61 -5.99
CA ASP D 233 -53.37 -16.70 -6.77
C ASP D 233 -53.78 -16.30 -8.18
N GLN D 234 -53.61 -15.05 -8.58
CA GLN D 234 -53.95 -14.63 -9.93
C GLN D 234 -53.18 -15.48 -10.94
N LYS D 235 -53.91 -16.13 -11.85
CA LYS D 235 -53.22 -17.07 -12.77
C LYS D 235 -52.20 -16.30 -13.63
N TRP D 236 -52.62 -15.23 -14.30
CA TRP D 236 -51.70 -14.56 -15.23
C TRP D 236 -50.50 -14.00 -14.49
N TYR D 237 -50.73 -13.35 -13.35
CA TYR D 237 -49.62 -12.76 -12.62
C TYR D 237 -48.68 -13.84 -12.10
N VAL D 238 -49.22 -14.91 -11.55
CA VAL D 238 -48.37 -15.98 -11.01
C VAL D 238 -47.55 -16.60 -12.12
N ILE D 239 -48.18 -16.90 -13.27
CA ILE D 239 -47.45 -17.53 -14.36
C ILE D 239 -46.34 -16.61 -14.84
N SER D 240 -46.64 -15.33 -15.06
CA SER D 240 -45.63 -14.41 -15.56
C SER D 240 -44.50 -14.25 -14.56
N SER D 241 -44.82 -14.10 -13.28
CA SER D 241 -43.78 -13.90 -12.28
C SER D 241 -42.89 -15.12 -12.17
N CYS D 242 -43.49 -16.32 -12.08
CA CYS D 242 -42.68 -17.53 -12.00
C CYS D 242 -41.79 -17.66 -13.22
N ILE D 243 -42.35 -17.50 -14.42
CA ILE D 243 -41.54 -17.59 -15.63
C ILE D 243 -40.36 -16.64 -15.55
N GLY D 244 -40.64 -15.34 -15.49
CA GLY D 244 -39.60 -14.33 -15.58
C GLY D 244 -38.67 -14.28 -14.38
N SER D 245 -39.00 -14.95 -13.28
CA SER D 245 -38.15 -14.94 -12.10
C SER D 245 -37.30 -16.17 -11.95
N PHE D 246 -37.74 -17.32 -12.47
CA PHE D 246 -36.93 -18.53 -12.36
C PHE D 246 -36.55 -19.12 -13.70
N PHE D 247 -37.50 -19.29 -14.61
CA PHE D 247 -37.25 -20.09 -15.79
C PHE D 247 -36.20 -19.44 -16.69
N ALA D 248 -36.29 -18.11 -16.86
CA ALA D 248 -35.29 -17.42 -17.66
C ALA D 248 -33.90 -17.50 -17.05
N PRO D 249 -33.69 -17.13 -15.78
CA PRO D 249 -32.35 -17.27 -15.19
C PRO D 249 -31.84 -18.70 -15.20
N CYS D 250 -32.72 -19.68 -14.98
CA CYS D 250 -32.30 -21.08 -15.04
C CYS D 250 -31.77 -21.42 -16.43
N LEU D 251 -32.50 -21.02 -17.48
CA LEU D 251 -32.04 -21.29 -18.83
C LEU D 251 -30.73 -20.58 -19.13
N ILE D 252 -30.59 -19.34 -18.67
CA ILE D 252 -29.37 -18.59 -18.93
C ILE D 252 -28.19 -19.28 -18.25
N MET D 253 -28.34 -19.68 -16.98
CA MET D 253 -27.26 -20.35 -16.28
C MET D 253 -26.92 -21.66 -16.96
N ILE D 254 -27.94 -22.44 -17.36
CA ILE D 254 -27.69 -23.72 -18.00
C ILE D 254 -26.89 -23.51 -19.28
N LEU D 255 -27.30 -22.54 -20.10
CA LEU D 255 -26.61 -22.30 -21.36
C LEU D 255 -25.17 -21.85 -21.12
N VAL D 256 -24.98 -20.88 -20.22
CA VAL D 256 -23.64 -20.36 -20.01
C VAL D 256 -22.71 -21.43 -19.48
N TYR D 257 -23.19 -22.24 -18.54
CA TYR D 257 -22.32 -23.26 -17.96
C TYR D 257 -22.11 -24.44 -18.89
N VAL D 258 -23.08 -24.74 -19.76
CA VAL D 258 -22.84 -25.74 -20.80
C VAL D 258 -21.76 -25.25 -21.75
N ARG D 259 -21.83 -23.97 -22.15
CA ARG D 259 -20.79 -23.42 -23.00
C ARG D 259 -19.43 -23.45 -22.32
N ILE D 260 -19.39 -23.13 -21.04
CA ILE D 260 -18.12 -23.14 -20.30
C ILE D 260 -17.57 -24.56 -20.23
N TYR D 261 -18.44 -25.54 -19.98
CA TYR D 261 -18.02 -26.93 -19.96
C TYR D 261 -17.46 -27.35 -21.30
N GLN D 262 -18.13 -26.97 -22.39
CA GLN D 262 -17.64 -27.32 -23.72
C GLN D 262 -16.27 -26.69 -23.97
N ILE D 263 -16.11 -25.43 -23.58
CA ILE D 263 -14.82 -24.76 -23.76
C ILE D 263 -13.73 -25.47 -22.97
N ALA D 264 -14.01 -25.81 -21.71
CA ALA D 264 -13.01 -26.49 -20.91
C ALA D 264 -12.65 -27.85 -21.49
N LYS D 265 -13.65 -28.61 -21.94
CA LYS D 265 -13.38 -29.90 -22.55
C LYS D 265 -12.53 -29.75 -23.79
N ARG D 266 -12.86 -28.78 -24.65
CA ARG D 266 -12.09 -28.57 -25.87
C ARG D 266 -10.65 -28.17 -25.55
N ARG D 267 -10.46 -27.37 -24.51
CA ARG D 267 -9.13 -26.98 -24.08
C ARG D 267 -8.46 -28.03 -23.20
N THR D 268 -9.17 -29.09 -22.83
CA THR D 268 -8.58 -30.09 -21.93
C THR D 268 -7.38 -30.78 -22.58
N ARG D 269 -7.50 -31.16 -23.85
CA ARG D 269 -6.43 -31.88 -24.53
C ARG D 269 -5.28 -30.94 -24.87
N ARG D 402 1.44 -34.73 -15.66
CA ARG D 402 1.11 -33.90 -16.84
C ARG D 402 -0.27 -34.31 -17.37
N TRP D 403 -0.32 -35.33 -18.23
CA TRP D 403 -1.62 -35.81 -18.79
C TRP D 403 -2.52 -36.26 -17.63
N ARG D 404 -1.94 -36.92 -16.63
CA ARG D 404 -2.72 -37.34 -15.43
C ARG D 404 -3.30 -36.09 -14.77
N GLY D 405 -2.48 -35.04 -14.62
CA GLY D 405 -2.99 -33.78 -14.04
C GLY D 405 -4.11 -33.22 -14.89
N ARG D 406 -3.93 -33.21 -16.21
CA ARG D 406 -4.97 -32.67 -17.12
C ARG D 406 -6.26 -33.50 -16.99
N GLN D 407 -6.14 -34.83 -16.98
CA GLN D 407 -7.34 -35.68 -16.90
C GLN D 407 -7.94 -35.54 -15.48
N ASN D 408 -7.09 -35.27 -14.48
CA ASN D 408 -7.60 -35.05 -13.12
C ASN D 408 -8.36 -33.74 -13.18
N ARG D 409 -7.83 -32.77 -13.92
CA ARG D 409 -8.47 -31.44 -13.99
C ARG D 409 -9.81 -31.56 -14.71
N GLU D 410 -9.86 -32.32 -15.78
CA GLU D 410 -11.17 -32.54 -16.43
C GLU D 410 -12.17 -33.01 -15.39
N LYS D 411 -11.83 -34.07 -14.65
CA LYS D 411 -12.80 -34.63 -13.67
C LYS D 411 -13.19 -33.54 -12.67
N ARG D 412 -12.21 -32.79 -12.17
CA ARG D 412 -12.46 -31.75 -11.16
C ARG D 412 -13.44 -30.71 -11.71
N PHE D 413 -13.26 -30.24 -12.93
CA PHE D 413 -14.17 -29.18 -13.42
C PHE D 413 -15.53 -29.77 -13.67
N THR D 414 -15.60 -30.94 -14.26
CA THR D 414 -16.95 -31.48 -14.43
C THR D 414 -17.62 -31.39 -13.10
N PHE D 415 -16.96 -31.84 -12.04
CA PHE D 415 -17.65 -31.83 -10.72
C PHE D 415 -18.06 -30.43 -10.36
N VAL D 416 -17.09 -29.53 -10.19
CA VAL D 416 -17.45 -28.18 -9.68
C VAL D 416 -18.60 -27.60 -10.51
N LEU D 417 -18.74 -28.00 -11.76
CA LEU D 417 -19.85 -27.38 -12.51
C LEU D 417 -21.12 -28.19 -12.25
N ALA D 418 -21.03 -29.50 -12.28
CA ALA D 418 -22.30 -30.20 -12.10
C ALA D 418 -22.95 -29.84 -10.77
N VAL D 419 -22.15 -29.67 -9.71
CA VAL D 419 -22.71 -29.29 -8.43
C VAL D 419 -23.40 -27.93 -8.52
N VAL D 420 -22.73 -26.97 -9.15
CA VAL D 420 -23.32 -25.63 -9.31
C VAL D 420 -24.59 -25.71 -10.13
N ILE D 421 -24.55 -26.46 -11.24
CA ILE D 421 -25.74 -26.60 -12.08
C ILE D 421 -26.87 -27.35 -11.40
N GLY D 422 -26.56 -28.23 -10.45
CA GLY D 422 -27.55 -29.12 -9.92
C GLY D 422 -28.19 -28.69 -8.61
N VAL D 423 -27.42 -28.05 -7.73
CA VAL D 423 -28.00 -27.62 -6.46
C VAL D 423 -29.13 -26.63 -6.70
N PHE D 424 -28.88 -25.61 -7.52
CA PHE D 424 -29.88 -24.59 -7.79
C PHE D 424 -31.13 -25.21 -8.39
N VAL D 425 -30.97 -26.08 -9.38
CA VAL D 425 -32.14 -26.69 -10.02
C VAL D 425 -32.89 -27.57 -9.03
N VAL D 426 -32.20 -28.47 -8.35
CA VAL D 426 -32.86 -29.37 -7.42
C VAL D 426 -33.56 -28.64 -6.30
N CYS D 427 -33.11 -27.43 -5.95
CA CYS D 427 -33.72 -26.69 -4.86
C CYS D 427 -34.87 -25.80 -5.33
N TRP D 428 -34.82 -25.26 -6.55
CA TRP D 428 -35.89 -24.35 -6.94
C TRP D 428 -36.88 -24.96 -7.92
N PHE D 429 -36.42 -25.75 -8.89
CA PHE D 429 -37.34 -26.26 -9.92
C PHE D 429 -38.57 -26.94 -9.33
N PRO D 430 -38.47 -27.77 -8.31
CA PRO D 430 -39.70 -28.40 -7.79
C PRO D 430 -40.75 -27.41 -7.36
N PHE D 431 -40.35 -26.38 -6.59
CA PHE D 431 -41.33 -25.42 -6.10
C PHE D 431 -41.98 -24.66 -7.25
N PHE D 432 -41.11 -24.12 -8.10
CA PHE D 432 -41.59 -23.28 -9.22
C PHE D 432 -42.36 -24.13 -10.18
N PHE D 433 -41.90 -25.36 -10.41
CA PHE D 433 -42.67 -26.27 -11.26
C PHE D 433 -44.02 -26.49 -10.59
N THR D 434 -43.95 -26.96 -9.34
CA THR D 434 -45.19 -27.26 -8.62
C THR D 434 -45.98 -25.99 -8.46
N TYR D 435 -45.32 -24.83 -8.46
CA TYR D 435 -46.03 -23.56 -8.20
C TYR D 435 -46.89 -23.28 -9.39
N THR D 436 -46.28 -23.35 -10.58
CA THR D 436 -47.03 -23.13 -11.83
C THR D 436 -48.09 -24.20 -11.96
N LEU D 437 -47.75 -25.44 -11.63
CA LEU D 437 -48.72 -26.56 -11.75
C LEU D 437 -50.00 -26.14 -11.01
N THR D 438 -49.85 -25.57 -9.81
CA THR D 438 -51.03 -25.09 -9.06
C THR D 438 -51.66 -23.97 -9.84
N ALA D 439 -50.86 -23.03 -10.33
CA ALA D 439 -51.41 -21.85 -11.05
C ALA D 439 -52.12 -22.29 -12.33
N VAL D 440 -51.46 -23.13 -13.13
CA VAL D 440 -52.04 -23.56 -14.45
C VAL D 440 -53.36 -24.30 -14.16
N GLY D 441 -53.49 -24.88 -12.97
CA GLY D 441 -54.75 -25.57 -12.60
C GLY D 441 -54.51 -27.02 -12.20
N CYS D 442 -53.36 -27.59 -12.58
CA CYS D 442 -53.03 -28.97 -12.17
C CYS D 442 -53.11 -29.06 -10.64
N SER D 443 -52.36 -28.19 -9.94
CA SER D 443 -52.43 -28.14 -8.46
C SER D 443 -52.40 -29.55 -7.86
N VAL D 444 -51.61 -30.47 -8.44
CA VAL D 444 -51.49 -31.83 -7.85
C VAL D 444 -50.70 -31.72 -6.54
N PRO D 445 -49.79 -30.73 -6.41
CA PRO D 445 -48.94 -30.64 -5.19
C PRO D 445 -49.82 -30.60 -3.95
N ARG D 446 -49.54 -31.48 -2.99
CA ARG D 446 -50.30 -31.50 -1.71
C ARG D 446 -49.31 -31.73 -0.56
N THR D 447 -49.13 -30.74 0.32
CA THR D 447 -48.19 -30.86 1.46
C THR D 447 -46.76 -30.90 0.93
N LEU D 448 -46.50 -31.70 -0.10
CA LEU D 448 -45.15 -31.76 -0.72
C LEU D 448 -44.75 -30.36 -1.17
N PHE D 449 -45.73 -29.52 -1.50
CA PHE D 449 -45.43 -28.11 -1.89
C PHE D 449 -44.70 -27.44 -0.75
N LYS D 450 -45.17 -27.67 0.49
CA LYS D 450 -44.51 -27.08 1.68
C LYS D 450 -43.07 -27.60 1.73
N PHE D 451 -42.88 -28.89 1.45
CA PHE D 451 -41.50 -29.45 1.41
C PHE D 451 -40.75 -28.77 0.27
N PHE D 452 -41.37 -28.66 -0.92
CA PHE D 452 -40.66 -27.96 -1.99
C PHE D 452 -40.38 -26.52 -1.60
N PHE D 453 -41.36 -25.86 -0.97
CA PHE D 453 -41.16 -24.51 -0.46
C PHE D 453 -39.95 -24.46 0.47
N TRP D 454 -39.87 -25.40 1.41
CA TRP D 454 -38.78 -25.39 2.39
C TRP D 454 -37.45 -25.73 1.72
N PHE D 455 -37.47 -26.60 0.71
CA PHE D 455 -36.25 -26.92 -0.02
C PHE D 455 -35.71 -25.68 -0.72
N GLY D 456 -36.58 -24.87 -1.31
CA GLY D 456 -36.13 -23.60 -1.92
C GLY D 456 -35.44 -22.72 -0.90
N TYR D 457 -35.89 -22.30 0.14
CA TYR D 457 -35.19 -21.42 1.11
C TYR D 457 -33.91 -22.09 1.55
N CYS D 458 -34.11 -23.49 1.95
CA CYS D 458 -32.85 -24.14 2.39
C CYS D 458 -31.76 -23.89 1.35
N ASN D 459 -32.16 -23.72 0.08
CA ASN D 459 -31.12 -23.61 -0.94
C ASN D 459 -30.23 -22.39 -0.68
N SER D 460 -30.80 -21.32 -0.13
CA SER D 460 -30.04 -20.11 0.13
C SER D 460 -28.86 -20.36 1.07
N SER D 461 -29.06 -21.17 2.11
CA SER D 461 -27.97 -21.43 3.05
C SER D 461 -26.78 -22.07 2.35
N LEU D 462 -27.05 -23.04 1.47
CA LEU D 462 -25.99 -23.71 0.72
C LEU D 462 -25.43 -22.83 -0.38
N ASN D 463 -26.18 -21.83 -0.84
CA ASN D 463 -25.73 -21.01 -1.97
C ASN D 463 -24.33 -20.44 -1.78
N PRO D 464 -23.99 -19.80 -0.66
CA PRO D 464 -22.63 -19.28 -0.54
C PRO D 464 -21.56 -20.36 -0.60
N VAL D 465 -21.85 -21.55 -0.07
CA VAL D 465 -20.86 -22.62 -0.08
C VAL D 465 -20.49 -22.99 -1.51
N ILE D 466 -21.50 -23.16 -2.37
CA ILE D 466 -21.25 -23.56 -3.75
C ILE D 466 -20.34 -22.55 -4.44
N TYR D 467 -20.61 -21.27 -4.21
CA TYR D 467 -19.94 -20.21 -4.95
C TYR D 467 -18.63 -19.77 -4.32
N THR D 468 -18.31 -20.22 -3.10
CA THR D 468 -17.06 -19.84 -2.46
C THR D 468 -16.09 -20.97 -2.18
N ILE D 469 -16.56 -22.20 -1.98
CA ILE D 469 -15.66 -23.27 -1.54
C ILE D 469 -14.67 -23.64 -2.64
N PHE D 470 -15.08 -23.58 -3.91
CA PHE D 470 -14.24 -24.04 -5.01
C PHE D 470 -13.26 -22.98 -5.47
N ASN D 471 -12.98 -22.01 -4.60
CA ASN D 471 -11.99 -20.94 -4.92
C ASN D 471 -10.94 -20.93 -3.81
N HIS D 472 -9.66 -21.13 -4.16
CA HIS D 472 -8.61 -21.24 -3.12
C HIS D 472 -8.55 -19.95 -2.30
N ASP D 473 -8.55 -18.80 -2.98
CA ASP D 473 -8.42 -17.50 -2.27
C ASP D 473 -9.51 -17.42 -1.18
N PHE D 474 -10.68 -18.00 -1.45
CA PHE D 474 -11.76 -17.98 -0.47
C PHE D 474 -11.53 -19.04 0.59
N ARG D 475 -11.05 -20.22 0.18
CA ARG D 475 -10.80 -21.29 1.13
C ARG D 475 -9.75 -20.89 2.16
N ARG D 476 -8.65 -20.28 1.71
CA ARG D 476 -7.62 -19.85 2.64
C ARG D 476 -8.12 -18.73 3.54
N ALA D 477 -8.92 -17.81 2.98
CA ALA D 477 -9.49 -16.74 3.81
C ALA D 477 -10.38 -17.32 4.90
N PHE D 478 -11.23 -18.30 4.55
CA PHE D 478 -12.08 -18.93 5.54
C PHE D 478 -11.26 -19.67 6.58
N LYS D 479 -10.20 -20.36 6.16
CA LYS D 479 -9.34 -21.06 7.11
C LYS D 479 -8.69 -20.07 8.07
N LYS D 480 -8.21 -18.95 7.55
CA LYS D 480 -7.59 -17.92 8.43
C LYS D 480 -8.65 -17.42 9.41
N ILE D 481 -9.85 -17.11 8.93
CA ILE D 481 -10.90 -16.59 9.80
C ILE D 481 -11.21 -17.60 10.90
N LEU D 482 -11.36 -18.87 10.55
CA LEU D 482 -11.68 -19.88 11.55
C LEU D 482 -10.55 -20.04 12.56
N CYS D 483 -9.31 -20.03 12.08
CA CYS D 483 -8.15 -20.23 12.95
C CYS D 483 -7.49 -18.89 13.28
N ASP E 1 6.93 34.04 -8.79
CA ASP E 1 6.63 32.94 -7.87
C ASP E 1 5.16 32.97 -7.44
N VAL E 2 4.91 32.61 -6.19
CA VAL E 2 3.54 32.59 -5.68
C VAL E 2 3.05 34.02 -5.50
N GLN E 3 1.89 34.32 -6.08
CA GLN E 3 1.26 35.62 -5.87
C GLN E 3 -0.18 35.52 -6.32
N LEU E 4 -1.05 36.29 -5.65
CA LEU E 4 -2.48 36.29 -5.93
C LEU E 4 -2.90 37.69 -6.30
N VAL E 5 -3.57 37.83 -7.44
CA VAL E 5 -4.05 39.12 -7.92
C VAL E 5 -5.56 39.03 -8.11
N GLU E 6 -6.28 40.03 -7.59
CA GLU E 6 -7.72 40.06 -7.68
C GLU E 6 -8.16 41.47 -8.04
N SER E 7 -9.12 41.57 -8.96
CA SER E 7 -9.61 42.87 -9.40
C SER E 7 -11.06 42.72 -9.84
N GLY E 8 -11.99 43.06 -8.94
CA GLY E 8 -13.40 43.05 -9.28
C GLY E 8 -14.17 44.15 -8.58
N GLY E 9 -13.46 45.05 -7.91
CA GLY E 9 -14.09 46.07 -7.11
C GLY E 9 -14.25 47.39 -7.84
N GLY E 10 -15.21 48.17 -7.38
CA GLY E 10 -15.47 49.48 -7.97
C GLY E 10 -16.70 50.09 -7.35
N LEU E 11 -16.97 51.33 -7.77
CA LEU E 11 -18.12 52.06 -7.25
C LEU E 11 -19.40 51.34 -7.66
N VAL E 12 -20.13 50.81 -6.68
CA VAL E 12 -21.37 50.08 -6.91
C VAL E 12 -22.48 50.75 -6.11
N GLN E 13 -23.58 51.06 -6.78
CA GLN E 13 -24.73 51.61 -6.08
C GLN E 13 -25.32 50.55 -5.14
N PRO E 14 -25.93 50.98 -4.04
CA PRO E 14 -26.45 50.01 -3.07
C PRO E 14 -27.49 49.10 -3.71
N GLY E 15 -27.50 47.84 -3.26
CA GLY E 15 -28.43 46.86 -3.75
C GLY E 15 -28.03 46.18 -5.04
N GLY E 16 -26.88 46.52 -5.60
CA GLY E 16 -26.44 45.92 -6.84
C GLY E 16 -25.73 44.60 -6.62
N SER E 17 -25.11 44.11 -7.69
CA SER E 17 -24.37 42.86 -7.65
C SER E 17 -23.01 43.05 -8.31
N ARG E 18 -22.03 42.32 -7.82
CA ARG E 18 -20.67 42.39 -8.34
C ARG E 18 -20.00 41.03 -8.18
N LYS E 19 -18.98 40.79 -8.98
CA LYS E 19 -18.22 39.55 -8.95
C LYS E 19 -16.76 39.86 -8.68
N LEU E 20 -16.16 39.09 -7.78
CA LEU E 20 -14.77 39.24 -7.40
C LEU E 20 -14.00 37.97 -7.74
N SER E 21 -12.76 38.14 -8.21
CA SER E 21 -11.94 37.01 -8.61
C SER E 21 -10.48 37.34 -8.39
N CYS E 22 -9.71 36.34 -7.92
CA CYS E 22 -8.27 36.46 -7.84
C CYS E 22 -7.63 35.27 -8.53
N SER E 23 -6.70 35.55 -9.43
CA SER E 23 -6.00 34.52 -10.19
C SER E 23 -4.79 34.06 -9.42
N ALA E 24 -4.66 32.75 -9.25
CA ALA E 24 -3.58 32.16 -8.48
C ALA E 24 -2.54 31.58 -9.43
N SER E 25 -1.28 31.94 -9.22
CA SER E 25 -0.18 31.45 -10.04
C SER E 25 1.03 31.22 -9.17
N GLY E 26 1.92 30.35 -9.63
CA GLY E 26 3.14 30.05 -8.91
C GLY E 26 3.02 28.98 -7.85
N PHE E 27 1.87 28.33 -7.73
CA PHE E 27 1.72 27.25 -6.76
C PHE E 27 0.57 26.36 -7.20
N ALA E 28 0.49 25.19 -6.56
CA ALA E 28 -0.55 24.21 -6.86
C ALA E 28 -1.88 24.69 -6.28
N PHE E 29 -2.54 25.57 -7.03
CA PHE E 29 -3.79 26.16 -6.56
C PHE E 29 -4.84 25.10 -6.26
N SER E 30 -4.88 24.03 -7.07
CA SER E 30 -5.90 23.01 -6.89
C SER E 30 -5.79 22.29 -5.57
N SER E 31 -4.64 22.34 -4.91
CA SER E 31 -4.40 21.61 -3.67
C SER E 31 -4.54 22.49 -2.43
N PHE E 32 -5.05 23.71 -2.58
CA PHE E 32 -5.16 24.64 -1.48
C PHE E 32 -6.61 25.06 -1.29
N GLY E 33 -7.02 25.15 -0.03
CA GLY E 33 -8.29 25.76 0.32
C GLY E 33 -8.14 27.27 0.34
N MET E 34 -9.16 27.95 -0.17
CA MET E 34 -9.10 29.39 -0.35
C MET E 34 -10.10 30.09 0.57
N HIS E 35 -9.70 31.26 1.06
CA HIS E 35 -10.52 32.07 1.94
C HIS E 35 -10.66 33.46 1.36
N TRP E 36 -11.74 34.13 1.74
CA TRP E 36 -11.94 35.55 1.43
C TRP E 36 -12.03 36.30 2.75
N VAL E 37 -11.21 37.33 2.89
CA VAL E 37 -11.15 38.12 4.12
C VAL E 37 -11.43 39.57 3.77
N ARG E 38 -12.30 40.20 4.55
CA ARG E 38 -12.75 41.56 4.29
C ARG E 38 -12.25 42.50 5.38
N GLN E 39 -11.78 43.66 4.97
CA GLN E 39 -11.30 44.69 5.89
C GLN E 39 -12.06 45.98 5.61
N ALA E 40 -12.65 46.55 6.65
CA ALA E 40 -13.42 47.77 6.49
C ALA E 40 -12.50 48.93 6.11
N PRO E 41 -13.05 49.98 5.50
CA PRO E 41 -12.20 51.11 5.09
C PRO E 41 -11.43 51.73 6.24
N GLU E 42 -12.01 51.77 7.44
CA GLU E 42 -11.32 52.41 8.57
C GLU E 42 -10.31 51.46 9.20
N LYS E 43 -10.77 50.35 9.75
CA LYS E 43 -9.90 49.39 10.41
C LYS E 43 -10.60 48.04 10.46
N GLY E 44 -9.91 47.04 10.97
CA GLY E 44 -10.50 45.74 11.28
C GLY E 44 -10.33 44.74 10.16
N LEU E 45 -10.31 43.47 10.54
CA LEU E 45 -10.29 42.35 9.61
C LEU E 45 -11.36 41.35 10.02
N GLU E 46 -12.06 40.80 9.04
CA GLU E 46 -13.11 39.84 9.33
C GLU E 46 -13.16 38.80 8.22
N TRP E 47 -13.30 37.54 8.62
CA TRP E 47 -13.40 36.45 7.67
C TRP E 47 -14.73 36.54 6.91
N VAL E 48 -14.69 36.13 5.64
CA VAL E 48 -15.86 36.26 4.78
C VAL E 48 -16.39 34.89 4.39
N ALA E 49 -15.58 34.09 3.69
CA ALA E 49 -16.02 32.80 3.20
C ALA E 49 -14.80 31.91 3.03
N TYR E 50 -15.06 30.64 2.72
CA TYR E 50 -13.99 29.65 2.56
C TYR E 50 -14.51 28.49 1.73
N ILE E 51 -13.68 28.03 0.80
CA ILE E 51 -14.00 26.88 -0.05
C ILE E 51 -12.86 25.88 0.06
N SER E 52 -13.22 24.63 0.30
CA SER E 52 -12.22 23.58 0.54
C SER E 52 -11.38 23.38 -0.72
N SER E 53 -10.31 22.58 -0.56
CA SER E 53 -9.41 22.32 -1.68
C SER E 53 -10.14 21.63 -2.82
N GLY E 54 -10.97 20.64 -2.49
CA GLY E 54 -11.79 19.96 -3.47
C GLY E 54 -13.13 20.60 -3.72
N SER E 55 -13.37 21.79 -3.18
CA SER E 55 -14.65 22.48 -3.32
C SER E 55 -15.80 21.60 -2.82
N GLY E 56 -15.52 20.81 -1.79
CA GLY E 56 -16.54 19.97 -1.19
C GLY E 56 -17.03 20.51 0.13
N THR E 57 -16.39 21.57 0.61
CA THR E 57 -16.78 22.21 1.86
C THR E 57 -16.76 23.71 1.67
N ILE E 58 -17.84 24.37 2.09
CA ILE E 58 -17.97 25.82 1.95
C ILE E 58 -18.58 26.38 3.23
N TYR E 59 -18.09 27.54 3.64
CA TYR E 59 -18.58 28.22 4.83
C TYR E 59 -18.73 29.70 4.54
N TYR E 60 -19.59 30.35 5.31
CA TYR E 60 -19.85 31.78 5.16
C TYR E 60 -20.02 32.42 6.53
N ALA E 61 -19.95 33.74 6.55
CA ALA E 61 -20.21 34.50 7.76
C ALA E 61 -21.72 34.68 7.93
N ASP E 62 -22.15 35.28 9.02
CA ASP E 62 -23.61 35.42 9.12
C ASP E 62 -24.07 36.37 8.02
N THR E 63 -23.50 37.58 7.96
CA THR E 63 -24.00 38.52 6.97
C THR E 63 -23.77 38.05 5.55
N VAL E 64 -22.69 37.30 5.32
CA VAL E 64 -22.40 36.81 3.97
C VAL E 64 -23.46 35.81 3.51
N LYS E 65 -23.98 35.01 4.43
CA LYS E 65 -24.93 33.97 4.08
C LYS E 65 -26.12 34.55 3.34
N GLY E 66 -26.53 33.89 2.25
CA GLY E 66 -27.68 34.28 1.49
C GLY E 66 -27.43 35.34 0.44
N ARG E 67 -26.26 35.95 0.43
CA ARG E 67 -25.93 36.98 -0.54
C ARG E 67 -24.62 36.73 -1.28
N PHE E 68 -23.66 36.07 -0.65
CA PHE E 68 -22.37 35.82 -1.25
C PHE E 68 -22.21 34.33 -1.50
N THR E 69 -21.67 34.00 -2.68
CA THR E 69 -21.35 32.62 -3.02
C THR E 69 -19.91 32.55 -3.49
N ILE E 70 -19.22 31.50 -3.06
CA ILE E 70 -17.81 31.33 -3.35
C ILE E 70 -17.65 30.11 -4.26
N SER E 71 -16.94 30.31 -5.37
CA SER E 71 -16.74 29.24 -6.34
C SER E 71 -15.29 29.27 -6.81
N ARG E 72 -14.81 28.12 -7.26
CA ARG E 72 -13.45 27.99 -7.77
C ARG E 72 -13.45 27.11 -9.01
N ASP E 73 -12.49 27.36 -9.90
CA ASP E 73 -12.29 26.56 -11.11
C ASP E 73 -10.80 26.20 -11.21
N ASP E 74 -10.45 25.06 -10.64
CA ASP E 74 -9.06 24.66 -10.56
C ASP E 74 -8.33 24.69 -11.90
N PRO E 75 -8.91 24.18 -13.02
CA PRO E 75 -8.27 24.29 -14.37
C PRO E 75 -7.72 25.69 -14.62
N LYS E 76 -8.50 26.73 -14.32
CA LYS E 76 -8.07 28.11 -14.65
C LYS E 76 -7.43 28.81 -13.44
N ASN E 77 -7.22 28.09 -12.34
CA ASN E 77 -6.54 28.69 -11.16
C ASN E 77 -7.16 30.05 -10.83
N THR E 78 -8.47 30.09 -10.60
CA THR E 78 -9.16 31.33 -10.27
C THR E 78 -10.12 31.09 -9.11
N LEU E 79 -10.23 32.09 -8.24
CA LEU E 79 -11.17 32.08 -7.13
C LEU E 79 -12.24 33.13 -7.37
N PHE E 80 -13.49 32.76 -7.11
CA PHE E 80 -14.63 33.60 -7.43
C PHE E 80 -15.45 33.90 -6.18
N LEU E 81 -15.95 35.12 -6.10
CA LEU E 81 -16.91 35.53 -5.09
C LEU E 81 -18.01 36.32 -5.77
N GLN E 82 -19.26 35.90 -5.56
CA GLN E 82 -20.42 36.57 -6.15
C GLN E 82 -21.15 37.36 -5.07
N MET E 83 -21.43 38.62 -5.38
CA MET E 83 -22.11 39.52 -4.45
C MET E 83 -23.47 39.89 -4.99
N THR E 84 -24.49 39.76 -4.14
CA THR E 84 -25.85 40.12 -4.53
C THR E 84 -26.47 40.92 -3.40
N SER E 85 -27.30 41.89 -3.77
CA SER E 85 -27.95 42.77 -2.80
C SER E 85 -26.92 43.40 -1.87
N LEU E 86 -25.87 43.95 -2.47
CA LEU E 86 -24.79 44.56 -1.69
C LEU E 86 -25.35 45.68 -0.82
N ARG E 87 -24.95 45.67 0.46
CA ARG E 87 -25.42 46.66 1.41
C ARG E 87 -24.42 47.80 1.53
N SER E 88 -24.87 48.92 2.12
CA SER E 88 -24.01 50.09 2.21
C SER E 88 -22.77 49.80 3.05
N GLU E 89 -22.93 49.06 4.15
CA GLU E 89 -21.80 48.68 4.98
C GLU E 89 -20.91 47.62 4.34
N ASP E 90 -21.34 47.02 3.23
CA ASP E 90 -20.53 46.01 2.57
C ASP E 90 -19.28 46.58 1.93
N THR E 91 -19.23 47.88 1.71
CA THR E 91 -18.03 48.50 1.14
C THR E 91 -16.83 48.24 2.04
N ALA E 92 -15.85 47.53 1.50
CA ALA E 92 -14.67 47.15 2.27
C ALA E 92 -13.59 46.68 1.29
N MET E 93 -12.48 46.19 1.84
CA MET E 93 -11.33 45.74 1.07
C MET E 93 -11.23 44.22 1.19
N TYR E 94 -11.07 43.56 0.04
CA TYR E 94 -11.18 42.11 -0.01
C TYR E 94 -9.83 41.47 -0.34
N TYR E 95 -9.53 40.39 0.37
CA TYR E 95 -8.33 39.61 0.16
C TYR E 95 -8.73 38.15 -0.04
N CYS E 96 -7.98 37.45 -0.89
CA CYS E 96 -8.12 36.01 -1.04
C CYS E 96 -6.86 35.34 -0.53
N VAL E 97 -7.04 34.37 0.37
CA VAL E 97 -5.95 33.79 1.13
C VAL E 97 -5.90 32.29 0.85
N ARG E 98 -4.73 31.79 0.51
CA ARG E 98 -4.53 30.36 0.35
C ARG E 98 -4.35 29.71 1.72
N SER E 99 -4.65 28.42 1.78
CA SER E 99 -4.54 27.69 3.04
C SER E 99 -4.59 26.20 2.75
N ILE E 100 -3.62 25.47 3.28
CA ILE E 100 -3.52 24.03 3.07
C ILE E 100 -3.55 23.35 4.43
N TYR E 101 -4.41 22.34 4.58
CA TYR E 101 -4.67 21.72 5.87
C TYR E 101 -4.18 20.28 5.85
N TYR E 102 -3.05 20.03 6.51
CA TYR E 102 -2.59 18.70 6.84
C TYR E 102 -1.70 18.82 8.07
N TYR E 103 -1.17 17.68 8.53
CA TYR E 103 -0.36 17.71 9.74
C TYR E 103 0.84 18.63 9.55
N GLY E 104 1.03 19.54 10.50
CA GLY E 104 2.14 20.48 10.41
C GLY E 104 2.07 21.44 9.24
N SER E 105 0.88 21.97 8.94
CA SER E 105 0.71 22.88 7.83
C SER E 105 0.76 24.33 8.32
N SER E 106 0.75 25.25 7.36
CA SER E 106 0.80 26.69 7.64
C SER E 106 -0.32 27.37 6.86
N PRO E 107 -1.56 27.24 7.33
CA PRO E 107 -2.68 27.89 6.65
C PRO E 107 -2.62 29.40 6.82
N PHE E 108 -3.23 30.10 5.85
CA PHE E 108 -3.23 31.56 5.84
C PHE E 108 -1.81 32.11 5.69
N ASP E 109 -0.95 31.33 5.04
CA ASP E 109 0.45 31.72 4.92
C ASP E 109 0.65 32.82 3.90
N PHE E 110 -0.13 32.82 2.81
CA PHE E 110 0.03 33.80 1.75
C PHE E 110 -1.29 34.53 1.53
N TRP E 111 -1.22 35.84 1.39
CA TRP E 111 -2.38 36.69 1.14
C TRP E 111 -2.19 37.47 -0.15
N GLY E 112 -3.31 37.77 -0.80
CA GLY E 112 -3.27 38.57 -2.01
C GLY E 112 -3.15 40.05 -1.70
N GLN E 113 -2.98 40.83 -2.77
CA GLN E 113 -2.90 42.28 -2.63
C GLN E 113 -4.26 42.90 -2.34
N GLY E 114 -5.35 42.25 -2.70
CA GLY E 114 -6.68 42.74 -2.38
C GLY E 114 -7.24 43.67 -3.44
N THR E 115 -8.57 43.85 -3.37
CA THR E 115 -9.31 44.73 -4.30
C THR E 115 -10.34 45.51 -3.51
N THR E 116 -10.40 46.84 -3.68
CA THR E 116 -11.32 47.70 -2.95
C THR E 116 -12.70 47.67 -3.58
N LEU E 117 -13.71 47.88 -2.74
CA LEU E 117 -15.09 47.92 -3.17
C LEU E 117 -15.82 49.01 -2.40
N THR E 118 -16.64 49.77 -3.11
CA THR E 118 -17.37 50.88 -2.51
C THR E 118 -18.82 50.82 -2.96
N VAL E 119 -19.71 51.35 -2.12
CA VAL E 119 -21.14 51.36 -2.40
C VAL E 119 -21.70 52.75 -2.11
N SER E 120 -22.82 53.05 -2.74
CA SER E 120 -23.49 54.34 -2.56
C SER E 120 -22.58 55.50 -2.96
N SER E 136 -22.62 31.78 21.13
CA SER E 136 -22.62 32.39 19.81
C SER E 136 -21.33 32.09 19.07
N ASP E 137 -20.48 33.10 18.93
CA ASP E 137 -19.20 32.97 18.25
C ASP E 137 -18.08 33.44 19.15
N ILE E 138 -16.89 32.88 18.93
CA ILE E 138 -15.73 33.22 19.74
C ILE E 138 -15.36 34.68 19.52
N VAL E 139 -15.08 35.37 20.62
CA VAL E 139 -14.77 36.81 20.52
C VAL E 139 -13.30 37.04 20.88
N MET E 140 -12.41 37.07 19.89
CA MET E 140 -11.01 37.40 20.18
C MET E 140 -10.99 38.86 20.65
N THR E 141 -10.18 39.19 21.66
CA THR E 141 -10.21 40.56 22.21
C THR E 141 -8.82 41.10 22.37
N GLN E 142 -8.26 41.68 21.31
CA GLN E 142 -6.95 42.35 21.46
C GLN E 142 -7.22 43.67 22.18
N ALA E 143 -7.14 43.65 23.51
CA ALA E 143 -7.49 44.84 24.32
C ALA E 143 -6.82 46.10 23.79
N THR E 144 -5.48 46.11 23.74
CA THR E 144 -4.77 47.34 23.33
C THR E 144 -5.20 47.75 21.94
N SER E 145 -4.95 49.00 21.59
CA SER E 145 -5.26 49.46 20.21
C SER E 145 -4.06 50.26 19.70
N SER E 146 -3.18 50.69 20.61
CA SER E 146 -1.95 51.40 20.19
C SER E 146 -0.86 51.19 21.25
N VAL E 147 0.39 50.99 20.81
CA VAL E 147 1.49 50.72 21.78
C VAL E 147 2.66 51.67 21.48
N PRO E 148 2.96 52.66 22.35
CA PRO E 148 4.12 53.57 22.16
C PRO E 148 5.41 52.80 22.33
N VAL E 149 6.26 52.81 21.30
CA VAL E 149 7.47 52.00 21.34
C VAL E 149 8.58 52.76 20.63
N THR E 150 9.81 52.36 20.92
CA THR E 150 11.01 52.91 20.32
C THR E 150 11.87 51.76 19.81
N PRO E 151 12.64 51.99 18.74
CA PRO E 151 13.50 50.92 18.22
C PRO E 151 14.51 50.48 19.26
N GLY E 152 14.84 49.18 19.23
CA GLY E 152 15.83 48.62 20.13
C GLY E 152 15.30 48.21 21.49
N GLU E 153 13.99 48.22 21.69
CA GLU E 153 13.39 47.80 22.95
C GLU E 153 12.26 46.81 22.67
N SER E 154 12.07 45.88 23.61
CA SER E 154 11.10 44.82 23.43
C SER E 154 9.67 45.36 23.61
N VAL E 155 8.72 44.58 23.14
CA VAL E 155 7.30 44.93 23.24
C VAL E 155 6.50 43.65 23.18
N SER E 156 5.40 43.61 23.94
CA SER E 156 4.53 42.44 23.98
C SER E 156 3.09 42.88 23.75
N ILE E 157 2.36 42.10 22.95
CA ILE E 157 0.96 42.37 22.64
C ILE E 157 0.16 41.13 23.00
N SER E 158 -0.95 41.33 23.72
CA SER E 158 -1.74 40.24 24.25
C SER E 158 -3.08 40.15 23.53
N CYS E 159 -3.55 38.91 23.36
CA CYS E 159 -4.83 38.64 22.73
C CYS E 159 -5.68 37.79 23.67
N ARG E 160 -6.97 38.10 23.72
CA ARG E 160 -7.90 37.43 24.61
C ARG E 160 -8.99 36.75 23.80
N SER E 161 -9.46 35.61 24.30
CA SER E 161 -10.52 34.85 23.63
C SER E 161 -11.63 34.59 24.64
N SER E 162 -12.85 34.42 24.12
CA SER E 162 -14.01 34.14 24.96
C SER E 162 -13.99 32.71 25.47
N LYS E 163 -13.71 31.75 24.59
CA LYS E 163 -13.62 30.35 24.96
C LYS E 163 -12.20 29.84 24.74
N SER E 164 -11.84 28.80 25.48
CA SER E 164 -10.49 28.25 25.39
C SER E 164 -10.22 27.75 23.98
N LEU E 165 -9.06 28.13 23.44
CA LEU E 165 -8.64 27.68 22.12
C LEU E 165 -7.85 26.38 22.17
N LEU E 166 -7.54 25.87 23.36
CA LEU E 166 -6.77 24.64 23.48
C LEU E 166 -7.70 23.46 23.24
N HIS E 167 -7.54 22.80 22.09
CA HIS E 167 -8.31 21.62 21.77
C HIS E 167 -7.74 20.41 22.51
N SER E 168 -8.53 19.34 22.54
CA SER E 168 -8.06 18.11 23.17
C SER E 168 -6.83 17.54 22.47
N ASN E 169 -6.58 17.96 21.22
CA ASN E 169 -5.40 17.50 20.50
C ASN E 169 -4.13 17.94 21.19
N GLY E 170 -4.17 19.08 21.87
CA GLY E 170 -2.98 19.74 22.37
C GLY E 170 -2.54 20.92 21.54
N ASN E 171 -3.27 21.24 20.48
CA ASN E 171 -2.97 22.40 19.64
C ASN E 171 -3.95 23.51 19.97
N THR E 172 -3.43 24.69 20.28
CA THR E 172 -4.25 25.88 20.47
C THR E 172 -4.25 26.66 19.17
N TYR E 173 -5.38 26.65 18.46
CA TYR E 173 -5.47 27.26 17.14
C TYR E 173 -5.58 28.78 17.29
N LEU E 174 -4.42 29.41 17.46
CA LEU E 174 -4.32 30.86 17.54
C LEU E 174 -3.29 31.33 16.53
N TYR E 175 -3.65 32.34 15.75
CA TYR E 175 -2.80 32.85 14.69
C TYR E 175 -2.54 34.34 14.89
N TRP E 176 -1.36 34.78 14.46
CA TRP E 176 -0.96 36.17 14.54
C TRP E 176 -0.54 36.65 13.16
N PHE E 177 -1.07 37.80 12.75
CA PHE E 177 -0.76 38.38 11.45
C PHE E 177 -0.27 39.81 11.64
N LEU E 178 0.63 40.22 10.76
CA LEU E 178 1.15 41.58 10.74
C LEU E 178 0.78 42.23 9.41
N GLN E 179 0.22 43.43 9.49
CA GLN E 179 -0.20 44.17 8.31
C GLN E 179 0.46 45.54 8.34
N ARG E 180 1.60 45.67 7.68
CA ARG E 180 2.28 46.95 7.63
C ARG E 180 1.44 47.95 6.82
N PRO E 181 1.56 49.24 7.11
CA PRO E 181 0.67 50.21 6.49
C PRO E 181 0.77 50.17 4.97
N GLY E 182 -0.38 50.26 4.31
CA GLY E 182 -0.41 50.28 2.86
C GLY E 182 -0.02 48.99 2.19
N GLN E 183 -0.12 47.86 2.88
CA GLN E 183 0.30 46.59 2.32
C GLN E 183 -0.51 45.48 2.96
N SER E 184 -0.57 44.34 2.26
CA SER E 184 -1.39 43.22 2.67
C SER E 184 -0.84 42.56 3.94
N PRO E 185 -1.71 41.99 4.76
CA PRO E 185 -1.25 41.32 5.97
C PRO E 185 -0.49 40.03 5.65
N GLN E 186 0.40 39.68 6.59
CA GLN E 186 1.27 38.50 6.41
C GLN E 186 1.24 37.66 7.68
N LEU E 187 1.28 36.33 7.53
CA LEU E 187 1.24 35.42 8.67
C LEU E 187 2.54 35.49 9.45
N LEU E 188 2.42 35.48 10.78
CA LEU E 188 3.58 35.50 11.66
C LEU E 188 3.67 34.22 12.49
N ILE E 189 2.63 33.87 13.22
CA ILE E 189 2.62 32.70 14.09
C ILE E 189 1.33 31.94 13.86
N TYR E 190 1.43 30.62 13.74
CA TYR E 190 0.27 29.76 13.61
C TYR E 190 0.25 28.76 14.75
N ARG E 191 -0.88 28.69 15.45
CA ARG E 191 -1.05 27.86 16.63
C ARG E 191 -0.30 28.43 17.84
N MET E 192 -0.13 29.76 17.86
CA MET E 192 0.50 30.46 19.03
C MET E 192 1.80 29.79 19.50
N SER E 193 2.44 28.99 18.66
CA SER E 193 3.74 28.44 19.04
C SER E 193 4.69 28.27 17.87
N ASN E 194 4.22 28.32 16.63
CA ASN E 194 5.05 28.07 15.47
C ASN E 194 5.41 29.40 14.80
N LEU E 195 6.49 29.37 14.04
CA LEU E 195 6.97 30.56 13.35
C LEU E 195 6.87 30.33 11.85
N ALA E 196 6.20 31.24 11.16
CA ALA E 196 6.01 31.11 9.73
C ALA E 196 7.35 31.22 9.01
N SER E 197 7.43 30.56 7.86
CA SER E 197 8.65 30.57 7.07
C SER E 197 9.01 31.98 6.64
N GLY E 198 10.31 32.27 6.62
CA GLY E 198 10.76 33.60 6.25
C GLY E 198 10.30 34.68 7.21
N VAL E 199 10.33 34.39 8.51
CA VAL E 199 9.94 35.36 9.52
C VAL E 199 11.09 35.52 10.51
N PRO E 200 11.44 36.75 10.90
CA PRO E 200 12.55 36.93 11.84
C PRO E 200 12.30 36.19 13.14
N ASP E 201 13.37 35.65 13.71
CA ASP E 201 13.26 34.84 14.92
C ASP E 201 12.83 35.65 16.13
N ARG E 202 12.93 36.99 16.07
CA ARG E 202 12.59 37.79 17.25
C ARG E 202 11.14 37.57 17.67
N PHE E 203 10.26 37.27 16.72
CA PHE E 203 8.86 37.02 17.05
C PHE E 203 8.74 35.71 17.83
N SER E 204 7.87 35.72 18.84
CA SER E 204 7.64 34.55 19.66
C SER E 204 6.23 34.59 20.21
N GLY E 205 5.47 33.53 19.98
CA GLY E 205 4.10 33.44 20.45
C GLY E 205 3.96 32.39 21.55
N SER E 206 3.24 32.75 22.60
CA SER E 206 3.00 31.84 23.71
C SER E 206 1.80 32.34 24.49
N GLY E 207 1.19 31.44 25.25
CA GLY E 207 0.06 31.81 26.08
C GLY E 207 -0.65 30.58 26.60
N SER E 208 -1.61 30.85 27.49
CA SER E 208 -2.45 29.82 28.07
C SER E 208 -3.54 29.44 27.06
N GLY E 209 -4.50 28.62 27.49
CA GLY E 209 -5.58 28.22 26.61
C GLY E 209 -6.55 29.33 26.27
N THR E 210 -6.53 30.42 27.04
CA THR E 210 -7.41 31.56 26.78
C THR E 210 -6.70 32.89 26.58
N ALA E 211 -5.49 33.06 27.11
CA ALA E 211 -4.74 34.29 26.97
C ALA E 211 -3.45 34.02 26.20
N PHE E 212 -3.10 34.94 25.29
CA PHE E 212 -1.93 34.79 24.45
C PHE E 212 -1.19 36.12 24.39
N THR E 213 0.10 36.05 24.08
CA THR E 213 0.93 37.23 24.00
C THR E 213 2.06 36.99 22.99
N LEU E 214 2.81 38.05 22.71
CA LEU E 214 3.99 37.98 21.85
C LEU E 214 5.15 38.69 22.53
N THR E 215 6.35 38.32 22.09
CA THR E 215 7.57 38.99 22.54
C THR E 215 8.35 39.43 21.32
N ILE E 216 8.66 40.72 21.26
CA ILE E 216 9.43 41.30 20.17
C ILE E 216 10.74 41.80 20.77
N SER E 217 11.85 41.30 20.25
CA SER E 217 13.18 41.61 20.76
C SER E 217 13.89 42.52 19.77
N ARG E 218 14.49 43.60 20.29
CA ARG E 218 15.19 44.57 19.47
C ARG E 218 14.31 45.04 18.32
N LEU E 219 13.16 45.59 18.69
CA LEU E 219 12.21 46.09 17.70
C LEU E 219 12.86 47.13 16.81
N GLU E 220 12.42 47.18 15.55
CA GLU E 220 12.91 48.15 14.59
C GLU E 220 11.73 48.80 13.89
N ALA E 221 12.04 49.83 13.09
CA ALA E 221 11.00 50.57 12.40
C ALA E 221 10.26 49.71 11.38
N GLU E 222 10.81 48.56 11.01
CA GLU E 222 10.17 47.72 10.01
C GLU E 222 8.97 46.96 10.57
N ASP E 223 8.90 46.77 11.89
CA ASP E 223 7.80 46.04 12.50
C ASP E 223 6.60 46.92 12.83
N VAL E 224 6.68 48.21 12.55
CA VAL E 224 5.57 49.12 12.85
C VAL E 224 4.39 48.74 11.96
N GLY E 225 3.22 48.60 12.57
CA GLY E 225 2.03 48.22 11.85
C GLY E 225 0.88 47.85 12.77
N VAL E 226 0.07 46.89 12.37
CA VAL E 226 -1.07 46.43 13.16
C VAL E 226 -1.07 44.91 13.16
N TYR E 227 -1.29 44.33 14.34
CA TYR E 227 -1.27 42.89 14.51
C TYR E 227 -2.67 42.38 14.86
N TYR E 228 -3.01 41.23 14.29
CA TYR E 228 -4.32 40.63 14.50
C TYR E 228 -4.14 39.20 14.96
N CYS E 229 -4.97 38.78 15.91
CA CYS E 229 -5.02 37.41 16.38
C CYS E 229 -6.32 36.77 15.91
N MET E 230 -6.21 35.60 15.31
CA MET E 230 -7.36 34.88 14.78
C MET E 230 -7.38 33.47 15.32
N GLN E 231 -8.58 32.94 15.49
CA GLN E 231 -8.78 31.58 15.97
C GLN E 231 -9.22 30.68 14.82
N HIS E 232 -8.69 29.46 14.81
CA HIS E 232 -9.07 28.48 13.81
C HIS E 232 -9.70 27.25 14.45
N LEU E 233 -10.15 27.36 15.70
CA LEU E 233 -10.76 26.23 16.38
C LEU E 233 -12.05 25.79 15.70
N GLU E 234 -12.89 26.74 15.30
CA GLU E 234 -14.17 26.43 14.69
C GLU E 234 -14.65 27.63 13.88
N TYR E 235 -15.48 27.36 12.89
CA TYR E 235 -16.03 28.44 12.07
C TYR E 235 -17.21 29.09 12.78
N PRO E 236 -17.48 30.37 12.51
CA PRO E 236 -16.75 31.25 11.58
C PRO E 236 -15.45 31.72 12.20
N LEU E 237 -14.40 31.90 11.40
CA LEU E 237 -13.14 32.37 11.94
C LEU E 237 -13.27 33.82 12.38
N THR E 238 -12.73 34.12 13.56
CA THR E 238 -12.88 35.44 14.16
C THR E 238 -11.51 36.09 14.30
N PHE E 239 -11.49 37.41 14.17
CA PHE E 239 -10.29 38.21 14.31
C PHE E 239 -10.41 39.17 15.48
N GLY E 240 -9.31 39.43 16.14
CA GLY E 240 -9.39 40.46 17.18
C GLY E 240 -9.12 41.79 16.50
N ALA E 241 -9.58 42.88 17.08
CA ALA E 241 -9.20 44.18 16.50
C ALA E 241 -7.69 44.23 16.57
N GLY E 242 -7.06 45.15 15.86
CA GLY E 242 -5.59 45.07 15.86
C GLY E 242 -4.93 45.91 16.92
N THR E 243 -3.63 45.70 17.14
CA THR E 243 -2.88 46.57 18.06
C THR E 243 -1.86 47.27 17.21
N LYS E 244 -1.85 48.61 17.20
CA LYS E 244 -0.94 49.35 16.30
C LYS E 244 0.37 49.69 17.02
N LEU E 245 1.45 49.96 16.27
CA LEU E 245 2.74 50.37 16.88
C LEU E 245 3.16 51.75 16.33
N GLU E 246 3.84 52.58 17.13
CA GLU E 246 4.20 53.97 16.71
C GLU E 246 5.68 54.24 17.01
N LEU E 247 6.18 55.50 16.95
CA LEU E 247 7.62 55.70 17.09
C LEU E 247 7.95 56.91 17.93
N LYS E 248 7.30 57.05 19.08
CA LYS E 248 7.54 58.18 19.97
C LYS E 248 9.03 58.44 20.19
C10 A1CIU F . -39.47 -18.37 -0.78
N12 A1CIU F . -38.92 -20.56 -1.46
C13 A1CIU F . -39.88 -20.54 -2.36
C15 A1CIU F . -41.52 -16.56 -4.27
C17 A1CIU F . -39.52 -15.91 -5.51
C01 A1CIU F . -42.52 -15.78 -7.86
C02 A1CIU F . -41.67 -15.97 -6.60
C03 A1CIU F . -42.28 -16.39 -5.39
C04 A1CIU F . -43.68 -16.63 -5.34
C05 A1CIU F . -44.28 -17.04 -4.15
C06 A1CIU F . -43.49 -17.22 -3.00
C07 A1CIU F . -42.13 -16.98 -3.06
C09 A1CIU F . -40.49 -18.34 -1.72
C11 A1CIU F . -38.70 -19.52 -0.68
C14 A1CIU F . -40.69 -19.44 -2.53
C16 A1CIU F . -40.12 -16.31 -4.32
C18 A1CIU F . -40.30 -15.74 -6.66
N08 A1CIU F . -41.32 -17.16 -1.86
H101 A1CIU F . -39.28 -17.52 -0.13
H131 A1CIU F . -40.03 -21.42 -2.99
H171 A1CIU F . -38.45 -15.72 -5.55
H011 A1CIU F . -41.89 -15.43 -8.68
H013 A1CIU F . -43.30 -15.05 -7.66
H012 A1CIU F . -42.97 -16.72 -8.14
H041 A1CIU F . -44.29 -16.50 -6.23
H051 A1CIU F . -45.34 -17.22 -4.12
H061 A1CIU F . -43.96 -17.54 -2.09
H111 A1CIU F . -37.91 -19.56 0.06
H141 A1CIU F . -41.48 -19.44 -3.27
H161 A1CIU F . -39.52 -16.46 -3.44
H181 A1CIU F . -39.84 -15.41 -7.58
H081 A1CIU F . -41.36 -16.48 -1.13
H121 A1CIU F . -38.35 -21.38 -1.36
#